data_8VKB
#
_entry.id   8VKB
#
_cell.length_a   57.366
_cell.length_b   119.781
_cell.length_c   176.883
_cell.angle_alpha   90.000
_cell.angle_beta   90.000
_cell.angle_gamma   90.000
#
_symmetry.space_group_name_H-M   'P 21 21 21'
#
loop_
_entity.id
_entity.type
_entity.pdbx_description
1 polymer 'Glycylpeptide N-tetradecanoyltransferase'
2 non-polymer TETRADECANOYL-COA
3 non-polymer {1,5-dimethyl-4-[2-({(1P)-1-[2-(piperazin-1-yl)pyridin-4-yl]naphthalen-2-yl}oxy)ethyl]-1H-pyrazol-3-yl}(morpholin-4-yl)methanone
4 non-polymer 'CHLORIDE ION'
5 non-polymer GLYCEROL
6 non-polymer 'PENTAETHYLENE GLYCOL'
7 non-polymer 'HEXAETHYLENE GLYCOL'
8 water water
#
_entity_poly.entity_id   1
_entity_poly.type   'polypeptide(L)'
_entity_poly.pdbx_seq_one_letter_code
;GPDYKFWYTQPVPKINDEFNESVNEPFISDNKVEDVRKDEYKLPPGYSWYVCDVKDEKDRSEIYTLLTDNYVEDDDNIFR
FNYSAEFLLWALTSPNYLKTWHIGVKYDASNKLIGFISAIPTDICIHKRTIKMAEVNFLCVHKTLRSKRLAPVLIKEITR
RINLENIWQAIYTAGVYLPKPVSDARYYHRSINVKKLIEIGFSSLNSRLTMSRAIKLYRVEDTLNIKNMRLMKKKDVEGV
HKLLGSYLEQFNLYAVFTKEEIAHWFLPIENVIYTYVNEENGKIKDMISFYSLPSQILGNDKYSTLNAAYSFYNVTTTAT
FKQLMQDAILLAKRNNFDVFNALEVMQNKSVFEDLKFGEGDGSLKYYLYNWKCASFAPAHVGIVLL
;
_entity_poly.pdbx_strand_id   A,B,C
#
# COMPACT_ATOMS: atom_id res chain seq x y z
N ASP A 3 -33.33 24.87 1.77
CA ASP A 3 -33.37 25.01 0.32
C ASP A 3 -31.98 25.24 -0.26
N TYR A 4 -31.08 25.78 0.56
CA TYR A 4 -29.70 26.08 0.14
C TYR A 4 -29.69 27.12 -0.99
N LYS A 5 -30.36 28.23 -0.74
CA LYS A 5 -30.54 29.25 -1.78
C LYS A 5 -29.21 29.84 -2.20
N PHE A 6 -28.30 30.07 -1.25
CA PHE A 6 -27.00 30.62 -1.59
C PHE A 6 -26.09 29.56 -2.22
N TRP A 7 -26.06 28.36 -1.65
CA TRP A 7 -25.12 27.35 -2.13
C TRP A 7 -25.48 26.83 -3.53
N TYR A 8 -26.76 26.95 -3.91
N TYR A 8 -26.74 26.93 -3.95
CA TYR A 8 -27.19 26.57 -5.25
CA TYR A 8 -27.06 26.46 -5.29
C TYR A 8 -26.48 27.37 -6.33
C TYR A 8 -26.60 27.42 -6.37
N THR A 9 -26.09 28.60 -6.02
CA THR A 9 -25.45 29.48 -6.98
C THR A 9 -23.94 29.24 -7.11
N GLN A 10 -23.36 28.49 -6.18
CA GLN A 10 -21.92 28.27 -6.16
C GLN A 10 -21.55 27.02 -6.94
N PRO A 11 -20.30 26.93 -7.39
CA PRO A 11 -19.87 25.71 -8.12
C PRO A 11 -19.57 24.56 -7.17
N VAL A 12 -20.63 23.99 -6.62
CA VAL A 12 -20.53 22.81 -5.76
C VAL A 12 -21.64 21.84 -6.15
N PRO A 13 -21.52 20.58 -5.75
CA PRO A 13 -22.53 19.59 -6.15
C PRO A 13 -23.89 19.91 -5.58
N LYS A 14 -24.93 19.70 -6.38
CA LYS A 14 -26.29 19.78 -5.87
C LYS A 14 -26.52 18.65 -4.88
N ILE A 15 -27.57 18.80 -4.07
CA ILE A 15 -27.79 17.87 -2.96
C ILE A 15 -28.00 16.44 -3.47
N ASN A 16 -28.51 16.28 -4.68
N ASN A 16 -28.51 16.29 -4.68
CA ASN A 16 -28.78 14.97 -5.26
CA ASN A 16 -28.79 14.97 -5.26
C ASN A 16 -27.77 14.60 -6.34
C ASN A 16 -27.77 14.60 -6.35
N ASP A 17 -26.53 15.03 -6.19
CA ASP A 17 -25.49 14.78 -7.18
C ASP A 17 -24.55 13.67 -6.72
N GLU A 18 -24.24 12.76 -7.63
CA GLU A 18 -23.19 11.76 -7.45
C GLU A 18 -22.33 11.72 -8.71
N PHE A 19 -21.12 11.19 -8.56
CA PHE A 19 -20.17 11.13 -9.66
C PHE A 19 -19.45 9.80 -9.64
N ASN A 20 -18.93 9.41 -10.80
CA ASN A 20 -18.21 8.16 -10.94
C ASN A 20 -16.84 8.25 -10.28
N GLU A 21 -16.27 7.08 -9.96
CA GLU A 21 -14.94 7.02 -9.39
C GLU A 21 -13.91 7.74 -10.26
N SER A 22 -14.07 7.65 -11.58
CA SER A 22 -13.10 8.22 -12.50
C SER A 22 -13.25 9.73 -12.65
N VAL A 23 -14.37 10.31 -12.24
CA VAL A 23 -14.54 11.75 -12.34
C VAL A 23 -13.65 12.43 -11.32
N ASN A 24 -12.80 13.35 -11.78
CA ASN A 24 -11.88 14.07 -10.90
C ASN A 24 -11.42 15.34 -11.59
N GLU A 25 -12.27 16.36 -11.63
CA GLU A 25 -12.00 17.58 -12.37
C GLU A 25 -12.82 18.70 -11.76
N PRO A 26 -12.53 19.95 -12.12
CA PRO A 26 -13.32 21.08 -11.59
C PRO A 26 -14.69 21.18 -12.23
N PHE A 27 -15.55 21.98 -11.60
CA PHE A 27 -16.79 22.41 -12.24
C PHE A 27 -16.52 23.48 -13.30
N ILE A 28 -15.74 24.49 -12.94
CA ILE A 28 -15.41 25.60 -13.82
C ILE A 28 -13.89 25.65 -13.95
N SER A 29 -13.39 25.55 -15.18
CA SER A 29 -11.96 25.55 -15.46
C SER A 29 -11.62 26.68 -16.41
N ASP A 30 -10.32 26.81 -16.71
CA ASP A 30 -9.82 27.86 -17.60
C ASP A 30 -10.23 29.24 -17.09
N ASN A 31 -10.15 29.43 -15.78
CA ASN A 31 -10.45 30.73 -15.19
C ASN A 31 -9.28 31.68 -15.37
N LYS A 32 -9.59 32.97 -15.38
CA LYS A 32 -8.60 34.02 -15.57
C LYS A 32 -8.64 34.98 -14.39
N VAL A 33 -7.48 35.22 -13.78
CA VAL A 33 -7.40 36.20 -12.69
C VAL A 33 -7.81 37.57 -13.18
N GLU A 34 -7.49 37.89 -14.45
CA GLU A 34 -7.84 39.19 -15.02
C GLU A 34 -9.31 39.52 -14.84
N ASP A 35 -10.18 38.51 -14.88
CA ASP A 35 -11.63 38.73 -14.84
C ASP A 35 -12.20 38.76 -13.44
N VAL A 36 -11.40 38.46 -12.40
CA VAL A 36 -11.92 38.46 -11.05
C VAL A 36 -12.30 39.88 -10.65
N ARG A 37 -13.36 40.00 -9.86
CA ARG A 37 -13.77 41.30 -9.34
C ARG A 37 -12.61 41.92 -8.56
N LYS A 38 -12.38 43.21 -8.80
CA LYS A 38 -11.33 43.95 -8.11
C LYS A 38 -11.86 44.78 -6.95
N ASP A 39 -13.17 44.88 -6.80
CA ASP A 39 -13.79 45.66 -5.73
C ASP A 39 -14.31 44.73 -4.63
N GLU A 40 -14.31 45.25 -3.41
CA GLU A 40 -14.82 44.49 -2.27
C GLU A 40 -16.34 44.41 -2.32
N TYR A 41 -16.87 43.27 -1.87
CA TYR A 41 -18.32 43.13 -1.80
C TYR A 41 -18.90 44.13 -0.82
N LYS A 42 -20.03 44.72 -1.19
CA LYS A 42 -20.63 45.77 -0.38
C LYS A 42 -21.19 45.18 0.91
N LEU A 43 -21.11 45.95 1.98
CA LEU A 43 -21.65 45.62 3.29
C LEU A 43 -22.77 46.57 3.65
N PRO A 44 -23.56 46.24 4.68
CA PRO A 44 -24.60 47.16 5.11
C PRO A 44 -23.99 48.45 5.63
N PRO A 45 -24.73 49.56 5.60
CA PRO A 45 -24.18 50.83 6.07
C PRO A 45 -23.81 50.75 7.55
N GLY A 46 -22.60 51.20 7.87
CA GLY A 46 -22.09 51.14 9.22
C GLY A 46 -21.06 50.06 9.47
N TYR A 47 -20.72 49.26 8.45
CA TYR A 47 -19.76 48.18 8.59
C TYR A 47 -18.67 48.34 7.52
N SER A 48 -17.49 47.82 7.83
CA SER A 48 -16.35 47.93 6.94
C SER A 48 -15.47 46.71 7.06
N TRP A 49 -14.81 46.36 5.96
CA TRP A 49 -13.87 45.25 5.96
C TRP A 49 -12.62 45.63 6.76
N TYR A 50 -11.93 44.61 7.26
CA TYR A 50 -10.72 44.82 8.03
C TYR A 50 -9.78 43.64 7.82
N VAL A 51 -8.61 43.91 7.23
CA VAL A 51 -7.59 42.90 7.08
C VAL A 51 -6.84 42.75 8.39
N CYS A 52 -6.72 41.51 8.88
CA CYS A 52 -6.15 41.24 10.19
C CYS A 52 -4.68 40.85 10.06
N ASP A 53 -3.84 41.45 10.88
CA ASP A 53 -2.43 41.08 10.99
C ASP A 53 -2.30 40.16 12.20
N VAL A 54 -2.35 38.85 11.96
N VAL A 54 -2.33 38.85 11.95
CA VAL A 54 -2.34 37.89 13.06
CA VAL A 54 -2.33 37.88 13.04
C VAL A 54 -1.03 37.96 13.84
C VAL A 54 -1.04 37.97 13.84
N LYS A 55 0.05 38.43 13.22
CA LYS A 55 1.31 38.58 13.92
C LYS A 55 1.32 39.79 14.86
N ASP A 56 0.26 40.60 14.85
CA ASP A 56 0.12 41.69 15.80
C ASP A 56 -0.74 41.22 16.97
N GLU A 57 -0.29 41.53 18.18
CA GLU A 57 -0.98 41.02 19.36
C GLU A 57 -2.38 41.62 19.49
N LYS A 58 -2.55 42.89 19.11
CA LYS A 58 -3.85 43.53 19.23
C LYS A 58 -4.85 42.91 18.26
N ASP A 59 -4.49 42.84 16.97
CA ASP A 59 -5.38 42.20 16.01
C ASP A 59 -5.63 40.75 16.38
N ARG A 60 -4.58 40.04 16.80
CA ARG A 60 -4.74 38.64 17.19
C ARG A 60 -5.68 38.51 18.38
N SER A 61 -5.61 39.44 19.33
CA SER A 61 -6.49 39.39 20.49
C SER A 61 -7.92 39.74 20.13
N GLU A 62 -8.12 40.58 19.10
CA GLU A 62 -9.48 40.88 18.65
C GLU A 62 -10.14 39.64 18.06
N ILE A 63 -9.40 38.87 17.27
CA ILE A 63 -9.95 37.64 16.71
C ILE A 63 -10.23 36.63 17.82
N TYR A 64 -9.32 36.54 18.79
CA TYR A 64 -9.50 35.61 19.91
C TYR A 64 -10.80 35.90 20.65
N THR A 65 -11.05 37.17 20.96
CA THR A 65 -12.27 37.53 21.69
C THR A 65 -13.51 37.21 20.86
N LEU A 66 -13.46 37.45 19.54
CA LEU A 66 -14.61 37.13 18.70
C LEU A 66 -14.93 35.64 18.75
N LEU A 67 -13.92 34.79 18.54
CA LEU A 67 -14.17 33.35 18.53
C LEU A 67 -14.47 32.84 19.94
N THR A 68 -13.81 33.38 20.95
CA THR A 68 -14.05 32.93 22.32
C THR A 68 -15.50 33.11 22.72
N ASP A 69 -16.17 34.14 22.20
CA ASP A 69 -17.54 34.45 22.60
C ASP A 69 -18.60 33.96 21.63
N ASN A 70 -18.23 33.61 20.39
CA ASN A 70 -19.24 33.34 19.37
C ASN A 70 -18.97 32.13 18.49
N TYR A 71 -17.89 31.37 18.72
CA TYR A 71 -17.61 30.25 17.82
C TYR A 71 -18.49 29.06 18.13
N VAL A 72 -18.07 27.85 17.75
CA VAL A 72 -18.98 26.71 17.70
C VAL A 72 -19.33 26.25 19.11
N GLU A 73 -20.59 25.86 19.30
CA GLU A 73 -21.06 25.26 20.53
C GLU A 73 -21.56 23.85 20.24
N ASP A 74 -21.57 23.02 21.27
CA ASP A 74 -22.09 21.67 21.12
C ASP A 74 -23.62 21.69 21.02
N ASP A 75 -24.19 20.53 20.72
CA ASP A 75 -25.64 20.45 20.55
C ASP A 75 -26.39 20.70 21.85
N ASP A 76 -25.75 20.55 23.00
CA ASP A 76 -26.40 20.75 24.29
C ASP A 76 -26.11 22.11 24.91
N ASN A 77 -25.22 22.90 24.30
CA ASN A 77 -24.91 24.25 24.77
C ASN A 77 -24.27 24.23 26.15
N ILE A 78 -23.30 23.34 26.34
CA ILE A 78 -22.44 23.36 27.51
C ILE A 78 -20.99 23.63 27.17
N PHE A 79 -20.60 23.52 25.90
CA PHE A 79 -19.22 23.76 25.47
C PHE A 79 -19.20 24.81 24.37
N ARG A 80 -18.15 25.62 24.37
CA ARG A 80 -17.81 26.48 23.25
C ARG A 80 -16.31 26.43 23.03
N PHE A 81 -15.88 26.21 21.80
CA PHE A 81 -14.47 26.13 21.50
C PHE A 81 -13.77 27.41 21.94
N ASN A 82 -12.56 27.25 22.50
CA ASN A 82 -11.78 28.35 23.05
C ASN A 82 -10.35 28.28 22.51
N TYR A 83 -10.21 28.44 21.19
CA TYR A 83 -8.89 28.49 20.58
C TYR A 83 -8.04 29.55 21.27
N SER A 84 -6.82 29.18 21.62
CA SER A 84 -5.91 30.14 22.23
C SER A 84 -5.35 31.09 21.16
N ALA A 85 -4.87 32.24 21.63
CA ALA A 85 -4.27 33.20 20.71
C ALA A 85 -3.07 32.61 20.00
N GLU A 86 -2.22 31.87 20.73
CA GLU A 86 -1.06 31.26 20.11
C GLU A 86 -1.46 30.21 19.08
N PHE A 87 -2.54 29.48 19.34
CA PHE A 87 -3.05 28.53 18.36
C PHE A 87 -3.39 29.23 17.05
N LEU A 88 -4.14 30.33 17.15
CA LEU A 88 -4.52 31.07 15.94
C LEU A 88 -3.29 31.54 15.18
N LEU A 89 -2.27 32.02 15.90
CA LEU A 89 -1.03 32.43 15.25
C LEU A 89 -0.40 31.25 14.51
N TRP A 90 -0.46 30.06 15.10
CA TRP A 90 0.13 28.89 14.49
C TRP A 90 -0.69 28.43 13.28
N ALA A 91 -2.01 28.47 13.40
CA ALA A 91 -2.88 27.95 12.35
C ALA A 91 -2.97 28.88 11.14
N LEU A 92 -2.54 30.14 11.27
CA LEU A 92 -2.74 31.12 10.22
C LEU A 92 -1.44 31.62 9.58
N THR A 93 -0.28 31.25 10.13
CA THR A 93 1.00 31.72 9.62
C THR A 93 1.83 30.57 9.05
N SER A 94 1.17 29.62 8.40
CA SER A 94 1.87 28.54 7.72
C SER A 94 2.70 29.10 6.58
N PRO A 95 3.62 28.32 6.03
CA PRO A 95 4.50 28.83 4.96
C PRO A 95 3.73 29.45 3.81
N ASN A 96 4.19 30.63 3.38
CA ASN A 96 3.64 31.35 2.24
C ASN A 96 2.20 31.82 2.46
N TYR A 97 1.79 31.97 3.72
CA TYR A 97 0.45 32.46 4.00
C TYR A 97 0.28 33.87 3.43
N LEU A 98 -0.97 34.29 3.29
CA LEU A 98 -1.31 35.63 2.83
C LEU A 98 -2.11 36.33 3.91
N LYS A 99 -1.63 37.50 4.34
CA LYS A 99 -2.38 38.31 5.29
C LYS A 99 -3.74 38.69 4.73
N THR A 100 -3.83 38.92 3.42
CA THR A 100 -5.09 39.31 2.79
C THR A 100 -6.14 38.20 2.79
N TRP A 101 -5.80 37.01 3.28
CA TRP A 101 -6.76 35.94 3.44
C TRP A 101 -7.28 35.84 4.87
N HIS A 102 -6.90 36.77 5.74
CA HIS A 102 -7.35 36.80 7.13
C HIS A 102 -8.31 37.98 7.25
N ILE A 103 -9.58 37.73 6.94
CA ILE A 103 -10.56 38.77 6.68
C ILE A 103 -11.48 38.92 7.88
N GLY A 104 -11.77 40.17 8.24
CA GLY A 104 -12.70 40.47 9.31
C GLY A 104 -13.67 41.56 8.89
N VAL A 105 -14.68 41.77 9.74
CA VAL A 105 -15.68 42.81 9.54
C VAL A 105 -15.85 43.55 10.86
N LYS A 106 -15.89 44.88 10.79
CA LYS A 106 -15.95 45.73 11.97
C LYS A 106 -17.25 46.52 11.99
N TYR A 107 -17.81 46.69 13.18
CA TYR A 107 -18.88 47.64 13.42
C TYR A 107 -18.25 48.99 13.72
N ASP A 108 -18.36 49.93 12.76
CA ASP A 108 -17.56 51.14 12.82
C ASP A 108 -17.83 51.96 14.08
N ALA A 109 -19.07 51.94 14.59
CA ALA A 109 -19.41 52.79 15.72
C ALA A 109 -18.55 52.46 16.94
N SER A 110 -18.38 51.18 17.24
CA SER A 110 -17.62 50.73 18.39
C SER A 110 -16.23 50.23 18.03
N ASN A 111 -15.92 50.09 16.74
CA ASN A 111 -14.64 49.57 16.29
C ASN A 111 -14.41 48.14 16.79
N LYS A 112 -15.50 47.41 17.00
CA LYS A 112 -15.44 46.05 17.50
C LYS A 112 -15.56 45.06 16.34
N LEU A 113 -14.78 43.97 16.41
CA LEU A 113 -14.87 42.93 15.40
C LEU A 113 -16.14 42.11 15.60
N ILE A 114 -16.84 41.83 14.51
CA ILE A 114 -18.10 41.10 14.57
C ILE A 114 -18.18 39.96 13.55
N GLY A 115 -17.17 39.80 12.71
CA GLY A 115 -17.18 38.72 11.73
C GLY A 115 -15.78 38.41 11.27
N PHE A 116 -15.54 37.15 10.91
CA PHE A 116 -14.21 36.72 10.54
C PHE A 116 -14.27 35.47 9.68
N ILE A 117 -13.30 35.36 8.78
CA ILE A 117 -13.09 34.15 7.99
C ILE A 117 -11.63 34.16 7.54
N SER A 118 -11.05 32.97 7.38
CA SER A 118 -9.64 32.85 7.05
C SER A 118 -9.43 31.72 6.06
N ALA A 119 -8.26 31.75 5.42
CA ALA A 119 -7.85 30.69 4.52
C ALA A 119 -6.32 30.65 4.46
N ILE A 120 -5.79 29.47 4.15
CA ILE A 120 -4.34 29.31 3.97
C ILE A 120 -4.10 28.43 2.75
N PRO A 121 -3.02 28.70 2.02
CA PRO A 121 -2.72 27.89 0.84
C PRO A 121 -2.10 26.55 1.20
N THR A 122 -2.49 25.52 0.47
CA THR A 122 -2.00 24.17 0.71
C THR A 122 -2.20 23.33 -0.55
N ASP A 123 -1.25 22.43 -0.79
CA ASP A 123 -1.34 21.50 -1.90
C ASP A 123 -2.10 20.26 -1.45
N ILE A 124 -3.21 19.95 -2.12
CA ILE A 124 -4.09 18.87 -1.75
C ILE A 124 -4.13 17.86 -2.89
N CYS A 125 -3.96 16.58 -2.55
CA CYS A 125 -4.08 15.50 -3.52
C CYS A 125 -5.46 14.86 -3.37
N ILE A 126 -6.21 14.81 -4.47
CA ILE A 126 -7.54 14.21 -4.52
C ILE A 126 -7.56 13.21 -5.65
N HIS A 127 -7.74 11.93 -5.31
CA HIS A 127 -7.83 10.86 -6.30
C HIS A 127 -6.64 10.89 -7.25
N LYS A 128 -5.44 11.02 -6.67
CA LYS A 128 -4.15 10.95 -7.37
C LYS A 128 -3.78 12.23 -8.11
N ARG A 129 -4.53 13.32 -7.94
CA ARG A 129 -4.22 14.59 -8.58
C ARG A 129 -3.90 15.62 -7.51
N THR A 130 -2.70 16.19 -7.57
CA THR A 130 -2.29 17.25 -6.65
C THR A 130 -2.75 18.60 -7.19
N ILE A 131 -3.43 19.37 -6.34
CA ILE A 131 -4.05 20.63 -6.73
C ILE A 131 -3.74 21.68 -5.68
N LYS A 132 -3.46 22.91 -6.14
CA LYS A 132 -3.30 24.04 -5.24
C LYS A 132 -4.68 24.49 -4.76
N MET A 133 -4.90 24.43 -3.44
CA MET A 133 -6.19 24.78 -2.86
C MET A 133 -6.01 25.74 -1.70
N ALA A 134 -7.13 26.29 -1.24
CA ALA A 134 -7.19 27.10 -0.04
C ALA A 134 -7.94 26.34 1.04
N GLU A 135 -7.41 26.37 2.26
CA GLU A 135 -8.01 25.67 3.40
C GLU A 135 -8.72 26.71 4.27
N VAL A 136 -10.05 26.70 4.22
CA VAL A 136 -10.87 27.71 4.88
C VAL A 136 -11.23 27.23 6.29
N ASN A 137 -11.26 28.17 7.23
CA ASN A 137 -11.52 27.83 8.63
C ASN A 137 -11.85 29.11 9.39
N PHE A 138 -12.46 28.94 10.56
CA PHE A 138 -12.71 30.03 11.50
C PHE A 138 -13.73 31.03 10.96
N LEU A 139 -14.74 30.53 10.27
CA LEU A 139 -15.88 31.38 9.88
C LEU A 139 -16.75 31.65 11.10
N CYS A 140 -16.92 32.93 11.43
CA CYS A 140 -17.65 33.29 12.64
C CYS A 140 -18.39 34.61 12.44
N VAL A 141 -19.64 34.65 12.90
CA VAL A 141 -20.45 35.85 12.90
C VAL A 141 -20.99 36.04 14.32
N HIS A 142 -20.90 37.28 14.81
CA HIS A 142 -21.33 37.57 16.18
C HIS A 142 -22.75 37.08 16.41
N LYS A 143 -23.03 36.69 17.66
CA LYS A 143 -24.34 36.11 17.98
C LYS A 143 -25.47 37.12 17.77
N THR A 144 -25.20 38.41 17.94
CA THR A 144 -26.25 39.42 17.82
C THR A 144 -26.62 39.73 16.37
N LEU A 145 -25.89 39.16 15.39
CA LEU A 145 -26.15 39.42 13.99
C LEU A 145 -26.41 38.15 13.20
N ARG A 146 -26.75 37.06 13.89
CA ARG A 146 -27.01 35.79 13.23
C ARG A 146 -28.29 35.86 12.39
N SER A 147 -28.33 35.04 11.34
CA SER A 147 -29.49 34.93 10.46
C SER A 147 -29.77 36.24 9.73
N LYS A 148 -28.69 36.91 9.31
CA LYS A 148 -28.79 38.13 8.53
C LYS A 148 -27.95 38.02 7.25
N ARG A 149 -27.80 36.80 6.73
CA ARG A 149 -27.12 36.56 5.47
C ARG A 149 -25.75 37.22 5.42
N LEU A 150 -25.04 37.18 6.56
CA LEU A 150 -23.69 37.72 6.63
C LEU A 150 -22.64 36.69 6.22
N ALA A 151 -22.88 35.42 6.54
CA ALA A 151 -21.90 34.38 6.18
C ALA A 151 -21.65 34.30 4.68
N PRO A 152 -22.65 34.35 3.81
CA PRO A 152 -22.36 34.30 2.37
C PRO A 152 -21.45 35.43 1.91
N VAL A 153 -21.61 36.63 2.46
CA VAL A 153 -20.74 37.73 2.08
C VAL A 153 -19.31 37.44 2.47
N LEU A 154 -19.09 36.92 3.69
CA LEU A 154 -17.75 36.53 4.10
C LEU A 154 -17.17 35.49 3.16
N ILE A 155 -17.99 34.52 2.74
CA ILE A 155 -17.51 33.46 1.85
C ILE A 155 -17.18 34.02 0.48
N LYS A 156 -18.07 34.86 -0.06
CA LYS A 156 -17.85 35.41 -1.39
C LYS A 156 -16.62 36.32 -1.41
N GLU A 157 -16.41 37.10 -0.35
CA GLU A 157 -15.28 38.03 -0.34
C GLU A 157 -13.95 37.30 -0.30
N ILE A 158 -13.84 36.25 0.52
CA ILE A 158 -12.59 35.50 0.58
C ILE A 158 -12.41 34.65 -0.67
N THR A 159 -13.51 34.22 -1.29
CA THR A 159 -13.42 33.55 -2.58
C THR A 159 -12.79 34.46 -3.63
N ARG A 160 -13.14 35.75 -3.58
CA ARG A 160 -12.56 36.71 -4.51
C ARG A 160 -11.07 36.89 -4.24
N ARG A 161 -10.70 37.01 -2.97
CA ARG A 161 -9.29 37.19 -2.63
C ARG A 161 -8.45 35.99 -3.03
N ILE A 162 -9.02 34.79 -2.96
CA ILE A 162 -8.29 33.59 -3.35
C ILE A 162 -8.20 33.47 -4.86
N ASN A 163 -9.27 33.81 -5.58
CA ASN A 163 -9.21 33.80 -7.03
C ASN A 163 -8.21 34.84 -7.54
N LEU A 164 -8.03 35.94 -6.80
CA LEU A 164 -7.03 36.93 -7.19
C LEU A 164 -5.61 36.38 -7.14
N GLU A 165 -5.38 35.31 -6.37
CA GLU A 165 -4.09 34.64 -6.32
C GLU A 165 -3.99 33.49 -7.32
N ASN A 166 -4.95 33.38 -8.25
CA ASN A 166 -4.96 32.33 -9.26
C ASN A 166 -5.21 30.95 -8.65
N ILE A 167 -5.96 30.90 -7.56
CA ILE A 167 -6.35 29.65 -6.91
C ILE A 167 -7.87 29.53 -7.01
N TRP A 168 -8.35 28.37 -7.46
CA TRP A 168 -9.75 28.20 -7.79
C TRP A 168 -10.39 26.99 -7.09
N GLN A 169 -9.68 26.31 -6.20
CA GLN A 169 -10.23 25.21 -5.42
C GLN A 169 -10.00 25.47 -3.94
N ALA A 170 -10.82 24.84 -3.11
CA ALA A 170 -10.68 25.00 -1.66
C ALA A 170 -11.19 23.75 -0.97
N ILE A 171 -10.80 23.61 0.29
CA ILE A 171 -11.17 22.47 1.12
C ILE A 171 -11.57 22.98 2.49
N TYR A 172 -12.66 22.44 3.03
CA TYR A 172 -13.16 22.88 4.33
C TYR A 172 -13.94 21.73 4.96
N THR A 173 -14.17 21.86 6.27
CA THR A 173 -14.97 20.91 7.03
C THR A 173 -16.01 21.68 7.85
N ALA A 174 -17.05 20.96 8.26
CA ALA A 174 -18.11 21.54 9.07
C ALA A 174 -18.97 20.42 9.63
N GLY A 175 -19.47 20.64 10.85
CA GLY A 175 -20.37 19.69 11.46
C GLY A 175 -21.77 19.71 10.87
N VAL A 176 -22.17 20.82 10.27
CA VAL A 176 -23.48 20.93 9.65
C VAL A 176 -23.40 20.38 8.22
N TYR A 177 -24.53 19.93 7.71
CA TYR A 177 -24.60 19.33 6.39
C TYR A 177 -24.84 20.40 5.34
N LEU A 178 -23.97 20.45 4.34
CA LEU A 178 -24.06 21.38 3.22
C LEU A 178 -23.92 20.60 1.93
N PRO A 179 -24.21 21.24 0.79
CA PRO A 179 -23.93 20.61 -0.52
C PRO A 179 -22.48 20.85 -0.93
N LYS A 180 -21.68 19.77 -0.95
CA LYS A 180 -22.06 18.41 -0.60
C LYS A 180 -20.80 17.66 -0.13
N PRO A 181 -20.92 16.81 0.88
CA PRO A 181 -19.72 16.18 1.44
C PRO A 181 -19.13 15.13 0.50
N VAL A 182 -17.80 15.14 0.41
CA VAL A 182 -17.08 14.05 -0.24
C VAL A 182 -16.83 12.89 0.72
N SER A 183 -16.86 13.15 2.03
CA SER A 183 -16.71 12.09 3.02
C SER A 183 -17.27 12.60 4.34
N ASP A 184 -17.73 11.66 5.18
CA ASP A 184 -18.42 12.01 6.42
C ASP A 184 -17.90 11.09 7.51
N ALA A 185 -17.27 11.67 8.54
CA ALA A 185 -16.54 10.91 9.55
C ALA A 185 -17.12 11.19 10.94
N ARG A 186 -17.62 10.16 11.59
CA ARG A 186 -18.01 10.27 12.99
C ARG A 186 -16.79 10.46 13.86
N TYR A 187 -16.95 11.24 14.93
CA TYR A 187 -15.87 11.51 15.88
C TYR A 187 -16.11 10.75 17.18
N TYR A 188 -15.02 10.45 17.87
CA TYR A 188 -15.04 9.68 19.10
C TYR A 188 -14.21 10.40 20.16
N HIS A 189 -14.44 10.02 21.41
N HIS A 189 -14.43 10.01 21.41
CA HIS A 189 -13.73 10.61 22.54
CA HIS A 189 -13.74 10.59 22.55
C HIS A 189 -13.22 9.50 23.46
C HIS A 189 -13.19 9.48 23.44
N ARG A 190 -12.12 9.80 24.16
CA ARG A 190 -11.48 8.86 25.08
C ARG A 190 -11.28 9.57 26.41
N SER A 191 -12.07 9.20 27.41
N SER A 191 -12.08 9.19 27.41
CA SER A 191 -12.02 9.88 28.70
CA SER A 191 -12.02 9.86 28.70
C SER A 191 -10.67 9.66 29.37
C SER A 191 -10.66 9.66 29.36
N ILE A 192 -10.19 10.70 30.05
CA ILE A 192 -8.94 10.63 30.80
C ILE A 192 -9.21 11.11 32.21
N ASN A 193 -9.66 12.37 32.34
CA ASN A 193 -10.03 12.94 33.64
C ASN A 193 -11.49 12.57 33.90
N VAL A 194 -11.69 11.32 34.33
CA VAL A 194 -13.05 10.79 34.48
C VAL A 194 -13.87 11.67 35.40
N LYS A 195 -13.32 12.01 36.57
CA LYS A 195 -14.06 12.82 37.53
C LYS A 195 -14.57 14.12 36.90
N LYS A 196 -13.68 14.84 36.22
CA LYS A 196 -14.06 16.12 35.65
C LYS A 196 -15.13 15.96 34.56
N LEU A 197 -15.00 14.93 33.73
CA LEU A 197 -15.98 14.71 32.67
C LEU A 197 -17.35 14.36 33.22
N ILE A 198 -17.43 13.86 34.45
CA ILE A 198 -18.72 13.53 35.06
C ILE A 198 -19.33 14.73 35.76
N GLU A 199 -18.52 15.46 36.53
CA GLU A 199 -19.04 16.61 37.26
C GLU A 199 -19.71 17.61 36.33
N ILE A 200 -19.16 17.78 35.13
CA ILE A 200 -19.72 18.74 34.17
C ILE A 200 -20.86 18.14 33.35
N GLY A 201 -21.08 16.84 33.43
CA GLY A 201 -22.23 16.22 32.79
C GLY A 201 -22.00 15.69 31.40
N PHE A 202 -20.76 15.47 31.00
CA PHE A 202 -20.51 14.91 29.66
C PHE A 202 -20.63 13.39 29.68
N SER A 203 -20.03 12.74 30.67
CA SER A 203 -20.09 11.30 30.81
C SER A 203 -21.17 10.91 31.81
N SER A 204 -21.64 9.67 31.66
CA SER A 204 -22.74 9.15 32.48
C SER A 204 -22.26 7.98 33.32
N LEU A 205 -23.08 7.63 34.31
CA LEU A 205 -22.85 6.49 35.19
C LEU A 205 -24.14 5.69 35.31
N ASN A 206 -24.03 4.47 35.82
CA ASN A 206 -25.20 3.66 36.12
C ASN A 206 -24.80 2.58 37.11
N SER A 207 -25.76 1.73 37.47
CA SER A 207 -25.50 0.69 38.45
C SER A 207 -24.35 -0.21 38.02
N ARG A 208 -24.22 -0.46 36.71
CA ARG A 208 -23.12 -1.28 36.23
C ARG A 208 -21.79 -0.55 36.39
N LEU A 209 -21.69 0.66 35.88
CA LEU A 209 -20.47 1.45 35.91
C LEU A 209 -20.63 2.55 36.96
N THR A 210 -20.08 2.31 38.16
CA THR A 210 -20.11 3.31 39.21
C THR A 210 -18.95 4.30 39.02
N MET A 211 -18.87 5.28 39.91
CA MET A 211 -17.78 6.24 39.86
C MET A 211 -16.43 5.53 39.98
N SER A 212 -16.27 4.71 41.02
CA SER A 212 -14.99 4.02 41.21
C SER A 212 -14.71 3.06 40.06
N ARG A 213 -15.72 2.32 39.61
CA ARG A 213 -15.53 1.40 38.50
C ARG A 213 -15.19 2.14 37.21
N ALA A 214 -15.73 3.35 37.04
CA ALA A 214 -15.40 4.14 35.86
C ALA A 214 -13.96 4.64 35.91
N ILE A 215 -13.50 5.04 37.10
CA ILE A 215 -12.12 5.49 37.26
C ILE A 215 -11.15 4.36 36.89
N LYS A 216 -11.36 3.17 37.47
CA LYS A 216 -10.48 2.05 37.17
C LYS A 216 -10.51 1.69 35.69
N LEU A 217 -11.69 1.78 35.07
CA LEU A 217 -11.83 1.34 33.68
C LEU A 217 -10.95 2.16 32.74
N TYR A 218 -10.90 3.48 32.96
CA TYR A 218 -10.17 4.37 32.07
C TYR A 218 -8.77 4.72 32.58
N ARG A 219 -8.33 4.11 33.67
N ARG A 219 -8.33 4.12 33.68
CA ARG A 219 -6.96 4.32 34.14
CA ARG A 219 -6.96 4.31 34.13
C ARG A 219 -5.99 3.82 33.07
C ARG A 219 -5.99 3.82 33.07
N VAL A 220 -4.91 4.57 32.88
CA VAL A 220 -3.92 4.27 31.84
C VAL A 220 -2.58 4.01 32.51
N GLU A 221 -1.85 3.01 31.99
CA GLU A 221 -0.51 2.71 32.49
C GLU A 221 0.46 3.80 32.03
N ASP A 222 1.31 4.26 32.94
CA ASP A 222 2.30 5.30 32.65
C ASP A 222 3.60 4.68 32.14
N THR A 223 3.50 3.83 31.12
CA THR A 223 4.67 3.21 30.50
C THR A 223 4.42 3.12 29.01
N LEU A 224 5.28 3.76 28.23
CA LEU A 224 5.12 3.79 26.78
C LEU A 224 5.37 2.42 26.17
N ASN A 225 4.57 2.07 25.16
CA ASN A 225 4.83 0.87 24.38
C ASN A 225 6.04 1.05 23.47
N ILE A 226 6.29 2.28 23.03
CA ILE A 226 7.46 2.63 22.24
C ILE A 226 8.40 3.37 23.19
N LYS A 227 9.44 2.68 23.66
CA LYS A 227 10.25 3.17 24.77
C LYS A 227 10.82 4.56 24.49
N ASN A 228 11.27 4.80 23.27
CA ASN A 228 12.08 5.98 22.96
C ASN A 228 11.28 7.12 22.34
N MET A 229 9.96 7.09 22.43
CA MET A 229 9.15 8.18 21.91
C MET A 229 9.51 9.47 22.63
N ARG A 230 9.94 10.48 21.86
CA ARG A 230 10.41 11.74 22.43
C ARG A 230 9.90 12.91 21.60
N LEU A 231 9.93 14.10 22.20
CA LEU A 231 9.49 15.30 21.50
C LEU A 231 10.29 15.51 20.23
N MET A 232 9.62 15.99 19.20
CA MET A 232 10.26 16.23 17.91
C MET A 232 11.17 17.45 17.99
N LYS A 233 12.21 17.45 17.16
CA LYS A 233 13.18 18.52 17.08
C LYS A 233 13.41 18.91 15.62
N LYS A 234 14.08 20.04 15.42
CA LYS A 234 14.35 20.51 14.06
C LYS A 234 15.09 19.45 13.25
N LYS A 235 16.00 18.72 13.90
CA LYS A 235 16.79 17.71 13.20
C LYS A 235 15.94 16.55 12.69
N ASP A 236 14.69 16.44 13.10
CA ASP A 236 13.80 15.36 12.68
C ASP A 236 12.90 15.74 11.52
N VAL A 237 12.93 17.00 11.08
CA VAL A 237 12.02 17.46 10.03
C VAL A 237 12.09 16.55 8.81
N GLU A 238 13.31 16.25 8.35
CA GLU A 238 13.45 15.43 7.14
C GLU A 238 12.93 14.02 7.37
N GLY A 239 13.21 13.44 8.54
CA GLY A 239 12.73 12.10 8.81
C GLY A 239 11.22 12.01 8.86
N VAL A 240 10.57 13.04 9.40
CA VAL A 240 9.10 13.06 9.43
C VAL A 240 8.55 13.27 8.03
N HIS A 241 9.19 14.15 7.25
CA HIS A 241 8.75 14.39 5.88
C HIS A 241 8.71 13.09 5.08
N LYS A 242 9.73 12.25 5.22
CA LYS A 242 9.76 10.98 4.50
C LYS A 242 8.73 10.00 5.08
N LEU A 243 8.66 9.90 6.41
CA LEU A 243 7.74 8.97 7.03
C LEU A 243 6.30 9.33 6.70
N LEU A 244 5.91 10.57 6.99
CA LEU A 244 4.52 10.99 6.78
C LEU A 244 4.18 10.99 5.29
N GLY A 245 5.07 11.53 4.46
CA GLY A 245 4.80 11.55 3.03
C GLY A 245 4.54 10.16 2.48
N SER A 246 5.34 9.18 2.90
CA SER A 246 5.15 7.81 2.43
C SER A 246 3.83 7.23 2.94
N TYR A 247 3.39 7.65 4.12
CA TYR A 247 2.21 7.06 4.74
C TYR A 247 0.92 7.54 4.07
N LEU A 248 0.87 8.81 3.67
CA LEU A 248 -0.37 9.40 3.19
C LEU A 248 -0.71 9.02 1.75
N GLU A 249 0.25 8.50 0.99
CA GLU A 249 -0.01 8.19 -0.42
C GLU A 249 -1.03 7.07 -0.60
N GLN A 250 -1.41 6.37 0.47
CA GLN A 250 -2.37 5.29 0.37
C GLN A 250 -3.81 5.77 0.43
N PHE A 251 -4.05 7.07 0.60
CA PHE A 251 -5.39 7.61 0.80
C PHE A 251 -5.84 8.38 -0.42
N ASN A 252 -7.15 8.67 -0.46
N ASN A 252 -7.16 8.65 -0.47
CA ASN A 252 -7.74 9.36 -1.58
CA ASN A 252 -7.77 9.35 -1.58
C ASN A 252 -7.81 10.86 -1.41
C ASN A 252 -7.73 10.87 -1.42
N LEU A 253 -7.51 11.37 -0.20
CA LEU A 253 -7.54 12.81 0.06
C LEU A 253 -6.53 13.11 1.15
N TYR A 254 -5.48 13.84 0.81
CA TYR A 254 -4.45 14.20 1.78
C TYR A 254 -3.70 15.42 1.27
N ALA A 255 -2.90 16.00 2.15
CA ALA A 255 -2.07 17.14 1.83
C ALA A 255 -0.66 16.68 1.50
N VAL A 256 -0.02 17.39 0.58
CA VAL A 256 1.36 17.15 0.20
C VAL A 256 2.23 18.21 0.88
N PHE A 257 3.02 17.78 1.86
CA PHE A 257 3.83 18.70 2.65
C PHE A 257 5.20 18.89 2.02
N THR A 258 5.70 20.13 2.09
CA THR A 258 7.10 20.41 1.82
C THR A 258 7.87 20.34 3.13
N LYS A 259 9.21 20.35 3.01
CA LYS A 259 10.04 20.39 4.21
C LYS A 259 9.66 21.56 5.11
N GLU A 260 9.38 22.73 4.51
N GLU A 260 9.37 22.72 4.51
CA GLU A 260 9.02 23.89 5.31
CA GLU A 260 9.02 23.89 5.30
C GLU A 260 7.71 23.67 6.04
C GLU A 260 7.71 23.69 6.03
N GLU A 261 6.72 23.06 5.39
CA GLU A 261 5.44 22.84 6.03
C GLU A 261 5.55 21.84 7.16
N ILE A 262 6.38 20.80 6.99
CA ILE A 262 6.55 19.81 8.05
C ILE A 262 7.06 20.49 9.31
N ALA A 263 8.03 21.38 9.19
CA ALA A 263 8.58 22.06 10.36
C ALA A 263 7.52 22.90 11.06
N HIS A 264 6.65 23.56 10.29
CA HIS A 264 5.68 24.45 10.89
C HIS A 264 4.56 23.68 11.59
N TRP A 265 4.01 22.66 10.93
CA TRP A 265 2.81 21.99 11.42
C TRP A 265 3.08 20.98 12.53
N PHE A 266 4.34 20.66 12.82
CA PHE A 266 4.65 19.57 13.73
C PHE A 266 5.65 19.90 14.83
N LEU A 267 6.52 20.88 14.66
CA LEU A 267 7.49 21.19 15.71
C LEU A 267 6.74 21.65 16.97
N PRO A 268 6.98 21.03 18.13
CA PRO A 268 6.09 21.24 19.27
C PRO A 268 5.99 22.69 19.70
N ILE A 269 4.81 23.05 20.20
CA ILE A 269 4.56 24.33 20.84
C ILE A 269 3.66 24.08 22.03
N GLU A 270 4.05 24.60 23.20
CA GLU A 270 3.29 24.36 24.41
C GLU A 270 1.86 24.86 24.26
N ASN A 271 0.90 24.01 24.63
CA ASN A 271 -0.52 24.34 24.61
C ASN A 271 -1.07 24.54 23.20
N VAL A 272 -0.37 24.06 22.18
CA VAL A 272 -0.81 24.22 20.81
C VAL A 272 -0.68 22.90 20.06
N ILE A 273 0.55 22.51 19.72
CA ILE A 273 0.82 21.32 18.92
C ILE A 273 1.86 20.48 19.62
N TYR A 274 1.59 19.19 19.76
CA TYR A 274 2.50 18.23 20.37
C TYR A 274 2.84 17.16 19.33
N THR A 275 4.13 16.86 19.19
CA THR A 275 4.59 15.86 18.24
C THR A 275 5.72 15.07 18.87
N TYR A 276 5.62 13.74 18.81
CA TYR A 276 6.62 12.84 19.34
C TYR A 276 7.06 11.87 18.25
N VAL A 277 8.34 11.46 18.31
CA VAL A 277 8.93 10.62 17.27
C VAL A 277 9.81 9.55 17.92
N ASN A 278 10.05 8.49 17.16
CA ASN A 278 10.93 7.39 17.56
C ASN A 278 12.02 7.24 16.52
N GLU A 279 13.26 7.40 16.94
CA GLU A 279 14.42 7.36 16.04
C GLU A 279 15.19 6.07 16.28
N GLU A 280 15.36 5.29 15.22
N GLU A 280 15.34 5.27 15.22
CA GLU A 280 16.14 4.05 15.27
CA GLU A 280 16.13 4.05 15.25
C GLU A 280 17.10 4.04 14.09
C GLU A 280 17.11 4.09 14.09
N ASN A 281 18.39 3.80 14.38
CA ASN A 281 19.42 3.77 13.35
C ASN A 281 19.42 5.07 12.54
N GLY A 282 19.23 6.18 13.22
CA GLY A 282 19.23 7.47 12.56
C GLY A 282 18.07 7.67 11.61
N LYS A 283 16.98 6.94 11.77
CA LYS A 283 15.81 7.04 10.91
C LYS A 283 14.57 7.26 11.77
N ILE A 284 13.68 8.12 11.30
CA ILE A 284 12.40 8.34 11.96
C ILE A 284 11.43 7.27 11.49
N LYS A 285 10.98 6.42 12.41
CA LYS A 285 10.16 5.27 12.08
C LYS A 285 8.74 5.34 12.63
N ASP A 286 8.50 6.15 13.67
CA ASP A 286 7.16 6.29 14.24
C ASP A 286 6.97 7.73 14.67
N MET A 287 5.72 8.18 14.67
CA MET A 287 5.41 9.54 15.09
C MET A 287 4.00 9.59 15.66
N ILE A 288 3.81 10.51 16.60
CA ILE A 288 2.52 10.80 17.20
C ILE A 288 2.35 12.31 17.23
N SER A 289 1.11 12.77 17.04
CA SER A 289 0.85 14.20 17.05
C SER A 289 -0.60 14.47 17.44
N PHE A 290 -0.80 15.54 18.21
CA PHE A 290 -2.12 15.98 18.60
C PHE A 290 -2.04 17.45 19.02
N TYR A 291 -3.05 18.23 18.64
CA TYR A 291 -3.10 19.64 18.97
C TYR A 291 -4.11 19.88 20.10
N SER A 292 -4.02 21.06 20.69
CA SER A 292 -4.80 21.42 21.87
C SER A 292 -5.92 22.39 21.48
N LEU A 293 -7.15 22.02 21.82
CA LEU A 293 -8.32 22.86 21.56
C LEU A 293 -9.26 22.78 22.76
N PRO A 294 -9.11 23.69 23.71
CA PRO A 294 -9.99 23.67 24.89
C PRO A 294 -11.42 24.05 24.54
N SER A 295 -12.34 23.63 25.39
CA SER A 295 -13.75 23.98 25.28
C SER A 295 -14.18 24.64 26.59
N GLN A 296 -14.52 25.93 26.50
CA GLN A 296 -15.05 26.63 27.66
C GLN A 296 -16.31 25.94 28.16
N ILE A 297 -16.38 25.72 29.47
CA ILE A 297 -17.51 25.05 30.11
C ILE A 297 -18.51 26.13 30.48
N LEU A 298 -19.59 26.22 29.71
CA LEU A 298 -20.52 27.34 29.84
C LEU A 298 -21.35 27.21 31.12
N GLY A 299 -21.31 28.25 31.96
CA GLY A 299 -22.13 28.33 33.14
C GLY A 299 -21.60 27.62 34.36
N ASN A 300 -20.62 26.74 34.22
CA ASN A 300 -20.11 26.00 35.36
C ASN A 300 -19.28 26.92 36.26
N ASP A 301 -19.62 26.94 37.54
CA ASP A 301 -18.94 27.81 38.50
C ASP A 301 -17.64 27.21 39.03
N LYS A 302 -17.39 25.92 38.80
CA LYS A 302 -16.17 25.29 39.29
C LYS A 302 -15.07 25.30 38.23
N TYR A 303 -15.33 24.70 37.07
CA TYR A 303 -14.38 24.63 35.98
C TYR A 303 -14.67 25.72 34.95
N SER A 304 -13.62 26.09 34.21
CA SER A 304 -13.74 27.10 33.15
C SER A 304 -13.48 26.54 31.76
N THR A 305 -12.69 25.48 31.63
CA THR A 305 -12.39 24.91 30.32
C THR A 305 -12.18 23.41 30.45
N LEU A 306 -12.51 22.70 29.37
CA LEU A 306 -12.23 21.27 29.24
C LEU A 306 -11.06 21.12 28.28
N ASN A 307 -9.89 20.79 28.83
CA ASN A 307 -8.66 20.70 28.03
C ASN A 307 -8.71 19.43 27.20
N ALA A 308 -9.05 19.55 25.93
CA ALA A 308 -9.17 18.41 25.03
C ALA A 308 -7.97 18.35 24.08
N ALA A 309 -7.59 17.12 23.75
CA ALA A 309 -6.55 16.85 22.77
C ALA A 309 -7.16 16.15 21.57
N TYR A 310 -6.76 16.55 20.38
CA TYR A 310 -7.32 16.04 19.14
C TYR A 310 -6.23 15.33 18.34
N SER A 311 -6.47 14.07 18.00
CA SER A 311 -5.53 13.32 17.18
C SER A 311 -5.28 14.05 15.86
N PHE A 312 -4.02 14.05 15.43
CA PHE A 312 -3.62 14.77 14.23
C PHE A 312 -3.10 13.80 13.18
N TYR A 313 -1.81 13.42 13.26
CA TYR A 313 -1.21 12.48 12.33
C TYR A 313 -0.35 11.50 13.11
N ASN A 314 -0.66 10.21 12.98
CA ASN A 314 0.06 9.16 13.69
C ASN A 314 0.48 8.08 12.69
N VAL A 315 1.77 7.75 12.70
CA VAL A 315 2.34 6.78 11.76
C VAL A 315 3.31 5.88 12.53
N THR A 316 3.17 4.57 12.34
CA THR A 316 4.05 3.59 12.95
C THR A 316 4.54 2.60 11.91
N THR A 317 5.83 2.28 11.96
CA THR A 317 6.42 1.26 11.11
C THR A 317 7.08 0.13 11.89
N THR A 318 7.20 0.26 13.22
CA THR A 318 7.87 -0.74 14.05
C THR A 318 6.95 -1.33 15.10
N ALA A 319 5.70 -0.90 15.18
CA ALA A 319 4.75 -1.41 16.16
C ALA A 319 3.38 -1.49 15.51
N THR A 320 2.37 -1.78 16.31
CA THR A 320 0.99 -1.82 15.82
C THR A 320 0.32 -0.48 16.05
N PHE A 321 -0.67 -0.17 15.22
CA PHE A 321 -1.40 1.07 15.39
C PHE A 321 -2.11 1.10 16.75
N LYS A 322 -2.52 -0.07 17.25
N LYS A 322 -2.52 -0.06 17.24
CA LYS A 322 -3.10 -0.13 18.59
CA LYS A 322 -3.10 -0.13 18.58
C LYS A 322 -2.12 0.40 19.63
C LYS A 322 -2.11 0.40 19.62
N GLN A 323 -0.89 -0.12 19.61
CA GLN A 323 0.13 0.36 20.54
C GLN A 323 0.44 1.83 20.35
N LEU A 324 0.31 2.32 19.11
CA LEU A 324 0.66 3.71 18.83
C LEU A 324 -0.35 4.67 19.44
N MET A 325 -1.64 4.49 19.12
CA MET A 325 -2.66 5.35 19.68
C MET A 325 -2.74 5.21 21.19
N GLN A 326 -2.44 4.02 21.72
CA GLN A 326 -2.40 3.85 23.16
C GLN A 326 -1.36 4.76 23.79
N ASP A 327 -0.20 4.88 23.15
CA ASP A 327 0.84 5.79 23.64
C ASP A 327 0.41 7.25 23.47
N ALA A 328 -0.32 7.55 22.39
CA ALA A 328 -0.81 8.91 22.20
C ALA A 328 -1.68 9.35 23.36
N ILE A 329 -2.56 8.46 23.83
CA ILE A 329 -3.42 8.78 24.96
C ILE A 329 -2.58 9.09 26.20
N LEU A 330 -1.60 8.23 26.48
CA LEU A 330 -0.73 8.44 27.63
C LEU A 330 0.01 9.78 27.52
N LEU A 331 0.55 10.07 26.35
CA LEU A 331 1.26 11.34 26.15
C LEU A 331 0.33 12.52 26.37
N ALA A 332 -0.93 12.39 25.96
CA ALA A 332 -1.90 13.45 26.24
C ALA A 332 -2.17 13.54 27.74
N LYS A 333 -2.26 12.40 28.42
CA LYS A 333 -2.46 12.41 29.86
C LYS A 333 -1.29 13.07 30.57
N ARG A 334 -0.06 12.73 30.17
CA ARG A 334 1.11 13.30 30.82
C ARG A 334 1.15 14.82 30.69
N ASN A 335 0.49 15.38 29.68
CA ASN A 335 0.47 16.82 29.47
C ASN A 335 -0.81 17.47 30.01
N ASN A 336 -1.53 16.77 30.89
CA ASN A 336 -2.66 17.34 31.64
C ASN A 336 -3.88 17.60 30.75
N PHE A 337 -4.11 16.73 29.77
CA PHE A 337 -5.31 16.82 28.95
C PHE A 337 -6.42 15.98 29.56
N ASP A 338 -7.66 16.48 29.47
CA ASP A 338 -8.80 15.83 30.10
C ASP A 338 -9.43 14.75 29.23
N VAL A 339 -9.20 14.79 27.91
CA VAL A 339 -9.87 13.87 27.00
C VAL A 339 -9.07 13.82 25.70
N PHE A 340 -9.21 12.72 24.97
CA PHE A 340 -8.52 12.51 23.70
C PHE A 340 -9.58 12.21 22.63
N ASN A 341 -9.67 13.06 21.62
CA ASN A 341 -10.67 12.94 20.58
C ASN A 341 -10.02 12.61 19.24
N ALA A 342 -10.76 11.89 18.40
CA ALA A 342 -10.26 11.49 17.09
C ALA A 342 -11.44 11.21 16.16
N LEU A 343 -11.14 11.17 14.88
CA LEU A 343 -12.12 10.84 13.84
C LEU A 343 -11.92 9.41 13.35
N GLU A 344 -12.90 8.92 12.61
CA GLU A 344 -12.80 7.62 11.96
C GLU A 344 -12.14 7.72 10.59
N VAL A 345 -11.06 8.47 10.50
CA VAL A 345 -10.30 8.59 9.26
C VAL A 345 -9.02 7.75 9.40
N MET A 346 -8.33 7.57 8.27
CA MET A 346 -7.07 6.81 8.22
C MET A 346 -7.32 5.46 8.90
N GLN A 347 -6.46 5.02 9.81
CA GLN A 347 -6.62 3.74 10.49
C GLN A 347 -7.23 3.89 11.88
N ASN A 348 -7.80 5.04 12.21
CA ASN A 348 -8.21 5.31 13.59
C ASN A 348 -9.31 4.37 14.04
N LYS A 349 -10.21 3.99 13.13
CA LYS A 349 -11.39 3.23 13.54
C LYS A 349 -11.04 1.84 14.06
N SER A 350 -9.87 1.31 13.69
CA SER A 350 -9.51 -0.05 14.05
C SER A 350 -9.08 -0.19 15.51
N VAL A 351 -9.03 0.90 16.28
CA VAL A 351 -8.56 0.86 17.65
C VAL A 351 -9.54 1.49 18.64
N PHE A 352 -10.72 1.91 18.18
CA PHE A 352 -11.63 2.63 19.07
C PHE A 352 -12.23 1.68 20.12
N GLU A 353 -12.69 0.51 19.69
CA GLU A 353 -13.24 -0.44 20.66
C GLU A 353 -12.16 -0.89 21.65
N ASP A 354 -11.00 -1.28 21.13
CA ASP A 354 -9.95 -1.83 21.99
C ASP A 354 -9.45 -0.82 23.01
N LEU A 355 -9.39 0.46 22.63
CA LEU A 355 -8.89 1.50 23.51
C LEU A 355 -10.00 2.26 24.24
N LYS A 356 -11.24 1.78 24.15
CA LYS A 356 -12.34 2.29 24.96
C LYS A 356 -12.73 3.72 24.57
N PHE A 357 -12.81 3.98 23.27
CA PHE A 357 -13.38 5.22 22.79
C PHE A 357 -14.90 5.16 22.86
N GLY A 358 -15.52 6.33 22.92
CA GLY A 358 -16.97 6.44 22.91
C GLY A 358 -17.44 7.27 21.74
N GLU A 359 -18.45 6.76 21.01
CA GLU A 359 -18.97 7.47 19.86
C GLU A 359 -19.68 8.75 20.29
N GLY A 360 -19.41 9.84 19.58
CA GLY A 360 -20.01 11.12 19.86
C GLY A 360 -21.38 11.27 19.23
N ASP A 361 -21.91 12.48 19.35
CA ASP A 361 -23.27 12.74 18.89
C ASP A 361 -23.34 12.89 17.37
N GLY A 362 -22.40 13.64 16.79
CA GLY A 362 -22.47 13.95 15.37
C GLY A 362 -21.29 13.48 14.56
N SER A 363 -21.10 14.10 13.39
CA SER A 363 -20.01 13.75 12.50
C SER A 363 -19.45 15.01 11.88
N LEU A 364 -18.26 14.88 11.29
CA LEU A 364 -17.58 15.98 10.62
C LEU A 364 -17.52 15.69 9.13
N LYS A 365 -18.00 16.63 8.32
CA LYS A 365 -18.08 16.45 6.87
C LYS A 365 -16.89 17.14 6.20
N TYR A 366 -16.38 16.51 5.14
CA TYR A 366 -15.32 17.06 4.33
C TYR A 366 -15.90 17.58 3.02
N TYR A 367 -15.52 18.79 2.63
CA TYR A 367 -16.07 19.45 1.45
C TYR A 367 -14.95 19.94 0.55
N LEU A 368 -15.24 20.01 -0.74
CA LEU A 368 -14.36 20.61 -1.73
C LEU A 368 -15.15 21.63 -2.54
N TYR A 369 -14.49 22.73 -2.88
CA TYR A 369 -15.10 23.81 -3.64
C TYR A 369 -14.61 23.74 -5.08
N ASN A 370 -15.54 23.74 -6.03
CA ASN A 370 -15.23 23.71 -7.46
C ASN A 370 -14.41 22.49 -7.82
N TRP A 371 -14.90 21.31 -7.46
CA TRP A 371 -14.25 20.06 -7.82
C TRP A 371 -15.28 18.95 -7.85
N LYS A 372 -15.29 18.20 -8.95
CA LYS A 372 -16.16 17.03 -9.11
C LYS A 372 -15.36 15.78 -8.81
N CYS A 373 -15.90 14.94 -7.92
CA CYS A 373 -15.31 13.64 -7.63
C CYS A 373 -16.31 12.84 -6.82
N ALA A 374 -16.10 11.53 -6.78
CA ALA A 374 -17.02 10.65 -6.09
C ALA A 374 -16.77 10.67 -4.58
N SER A 375 -17.86 10.59 -3.82
N SER A 375 -17.86 10.58 -3.82
CA SER A 375 -17.74 10.48 -2.38
CA SER A 375 -17.75 10.47 -2.38
C SER A 375 -17.15 9.12 -2.00
C SER A 375 -17.14 9.12 -2.00
N PHE A 376 -16.57 9.05 -0.81
CA PHE A 376 -15.89 7.85 -0.36
C PHE A 376 -15.97 7.74 1.16
N ALA A 377 -15.73 6.52 1.65
CA ALA A 377 -15.79 6.27 3.08
C ALA A 377 -14.69 7.04 3.81
N PRO A 378 -14.94 7.40 5.07
CA PRO A 378 -13.92 8.17 5.82
C PRO A 378 -12.60 7.44 5.99
N ALA A 379 -12.59 6.10 5.90
CA ALA A 379 -11.33 5.37 5.99
C ALA A 379 -10.37 5.71 4.86
N HIS A 380 -10.85 6.31 3.78
CA HIS A 380 -10.01 6.75 2.69
C HIS A 380 -9.57 8.20 2.83
N VAL A 381 -9.95 8.87 3.90
CA VAL A 381 -9.57 10.26 4.14
C VAL A 381 -8.24 10.28 4.88
N GLY A 382 -7.28 11.04 4.35
CA GLY A 382 -5.97 11.13 4.97
C GLY A 382 -5.55 12.55 5.31
N ILE A 383 -6.48 13.34 5.85
CA ILE A 383 -6.19 14.71 6.24
C ILE A 383 -7.05 15.09 7.42
N VAL A 384 -6.49 15.91 8.32
CA VAL A 384 -7.18 16.38 9.51
C VAL A 384 -7.02 17.90 9.55
N LEU A 385 -8.14 18.62 9.52
CA LEU A 385 -8.15 20.07 9.59
C LEU A 385 -8.33 20.52 11.03
N LEU A 386 -7.79 21.70 11.33
CA LEU A 386 -7.83 22.24 12.69
C LEU A 386 -9.23 22.71 13.07
N ASP B 3 -13.69 -19.02 25.53
CA ASP B 3 -13.37 -20.35 25.02
C ASP B 3 -12.06 -20.31 24.23
N TYR B 4 -12.11 -20.69 22.96
CA TYR B 4 -10.98 -20.62 22.03
C TYR B 4 -9.90 -21.64 22.36
N LYS B 5 -10.23 -22.69 23.10
CA LYS B 5 -9.23 -23.71 23.42
C LYS B 5 -8.70 -24.38 22.17
N PHE B 6 -9.55 -24.58 21.16
CA PHE B 6 -9.11 -25.19 19.92
C PHE B 6 -8.35 -24.19 19.04
N TRP B 7 -8.89 -22.99 18.88
CA TRP B 7 -8.27 -22.02 17.97
C TRP B 7 -6.90 -21.59 18.48
N TYR B 8 -6.70 -21.60 19.81
N TYR B 8 -6.68 -21.58 19.80
CA TYR B 8 -5.41 -21.27 20.40
CA TYR B 8 -5.36 -21.18 20.28
C TYR B 8 -4.30 -22.17 19.88
C TYR B 8 -4.29 -22.21 19.98
N THR B 9 -4.66 -23.37 19.42
CA THR B 9 -3.68 -24.33 18.93
C THR B 9 -3.41 -24.19 17.43
N GLN B 10 -4.24 -23.43 16.72
CA GLN B 10 -4.12 -23.28 15.28
C GLN B 10 -3.28 -22.06 14.92
N PRO B 11 -2.70 -22.05 13.71
CA PRO B 11 -1.90 -20.88 13.28
C PRO B 11 -2.77 -19.70 12.90
N VAL B 12 -3.34 -19.05 13.91
CA VAL B 12 -4.16 -17.85 13.71
C VAL B 12 -3.85 -16.87 14.82
N PRO B 13 -4.21 -15.60 14.62
CA PRO B 13 -3.89 -14.59 15.65
C PRO B 13 -4.64 -14.86 16.95
N LYS B 14 -3.99 -14.50 18.06
CA LYS B 14 -4.66 -14.51 19.34
C LYS B 14 -5.62 -13.32 19.43
N ILE B 15 -6.48 -13.33 20.45
CA ILE B 15 -7.47 -12.28 20.60
C ILE B 15 -6.80 -10.92 20.80
N ASN B 16 -5.63 -10.90 21.45
N ASN B 16 -5.62 -10.92 21.44
CA ASN B 16 -4.93 -9.66 21.71
CA ASN B 16 -4.89 -9.70 21.73
C ASN B 16 -3.84 -9.37 20.67
C ASN B 16 -3.87 -9.33 20.65
N ASP B 17 -3.88 -10.04 19.52
CA ASP B 17 -2.84 -9.90 18.52
C ASP B 17 -3.18 -8.77 17.54
N GLU B 18 -2.18 -7.93 17.27
N GLU B 18 -2.17 -7.94 17.26
CA GLU B 18 -2.25 -6.92 16.24
CA GLU B 18 -2.26 -6.92 16.22
C GLU B 18 -0.93 -6.93 15.47
C GLU B 18 -0.93 -6.90 15.48
N PHE B 19 -0.97 -6.45 14.23
CA PHE B 19 0.19 -6.45 13.37
C PHE B 19 0.28 -5.13 12.62
N ASN B 20 1.51 -4.72 12.33
CA ASN B 20 1.77 -3.49 11.59
C ASN B 20 1.23 -3.62 10.17
N GLU B 21 0.99 -2.46 9.55
CA GLU B 21 0.50 -2.43 8.17
C GLU B 21 1.39 -3.21 7.23
N SER B 22 2.69 -3.26 7.51
CA SER B 22 3.63 -3.89 6.59
C SER B 22 3.66 -5.41 6.73
N VAL B 23 3.23 -5.97 7.87
CA VAL B 23 3.26 -7.42 8.04
C VAL B 23 2.27 -8.05 7.06
N ASN B 24 2.74 -9.09 6.35
CA ASN B 24 1.94 -9.74 5.33
C ASN B 24 2.57 -11.06 4.94
N GLU B 25 2.49 -12.06 5.81
CA GLU B 25 3.20 -13.31 5.63
C GLU B 25 2.56 -14.37 6.53
N PRO B 26 2.92 -15.64 6.35
CA PRO B 26 2.30 -16.70 7.16
C PRO B 26 2.82 -16.74 8.58
N PHE B 27 2.07 -17.45 9.43
CA PHE B 27 2.56 -17.79 10.76
C PHE B 27 3.59 -18.90 10.71
N ILE B 28 3.38 -19.88 9.84
CA ILE B 28 4.27 -21.03 9.71
C ILE B 28 4.61 -21.20 8.24
N SER B 29 5.90 -21.11 7.92
CA SER B 29 6.42 -21.33 6.57
C SER B 29 7.27 -22.59 6.54
N ASP B 30 7.79 -22.91 5.36
CA ASP B 30 8.64 -24.08 5.17
C ASP B 30 7.87 -25.38 5.39
N ASN B 31 6.56 -25.35 5.13
CA ASN B 31 5.76 -26.55 5.25
C ASN B 31 6.05 -27.49 4.09
N LYS B 32 6.08 -28.79 4.39
CA LYS B 32 6.37 -29.82 3.39
C LYS B 32 5.18 -30.76 3.30
N VAL B 33 4.79 -31.09 2.07
CA VAL B 33 3.69 -32.04 1.86
C VAL B 33 4.07 -33.42 2.40
N GLU B 34 5.35 -33.75 2.39
CA GLU B 34 5.78 -35.07 2.85
C GLU B 34 5.48 -35.29 4.33
N ASP B 35 5.33 -34.21 5.11
CA ASP B 35 5.11 -34.31 6.54
C ASP B 35 3.64 -34.40 6.92
N VAL B 36 2.72 -34.09 6.00
CA VAL B 36 1.30 -34.04 6.34
C VAL B 36 0.82 -35.44 6.72
N ARG B 37 -0.10 -35.49 7.68
CA ARG B 37 -0.71 -36.76 8.06
C ARG B 37 -1.43 -37.38 6.87
N LYS B 38 -1.14 -38.64 6.59
CA LYS B 38 -1.77 -39.35 5.49
C LYS B 38 -3.01 -40.13 5.91
N ASP B 39 -3.23 -40.31 7.21
CA ASP B 39 -4.40 -41.00 7.70
C ASP B 39 -5.51 -40.01 8.05
N GLU B 40 -6.74 -40.50 8.02
CA GLU B 40 -7.90 -39.68 8.37
C GLU B 40 -8.01 -39.56 9.88
N TYR B 41 -8.57 -38.44 10.33
CA TYR B 41 -8.74 -38.22 11.76
C TYR B 41 -9.74 -39.20 12.34
N LYS B 42 -9.53 -39.56 13.60
N LYS B 42 -9.53 -39.54 13.60
CA LYS B 42 -10.39 -40.53 14.27
CA LYS B 42 -10.39 -40.52 14.28
C LYS B 42 -11.78 -39.94 14.50
C LYS B 42 -11.78 -39.94 14.52
N LEU B 43 -12.79 -40.79 14.37
CA LEU B 43 -14.18 -40.44 14.61
C LEU B 43 -14.78 -41.41 15.63
N PRO B 44 -15.74 -40.96 16.44
CA PRO B 44 -16.32 -41.85 17.46
C PRO B 44 -17.01 -43.04 16.83
N PRO B 45 -17.17 -44.14 17.57
CA PRO B 45 -17.77 -45.34 16.99
C PRO B 45 -19.14 -45.05 16.40
N GLY B 46 -19.44 -45.72 15.28
CA GLY B 46 -20.69 -45.54 14.58
C GLY B 46 -20.70 -44.41 13.57
N TYR B 47 -19.60 -43.69 13.41
CA TYR B 47 -19.50 -42.56 12.50
C TYR B 47 -18.35 -42.81 11.52
N SER B 48 -18.50 -42.28 10.31
CA SER B 48 -17.52 -42.51 9.26
C SER B 48 -17.41 -41.28 8.38
N TRP B 49 -16.24 -41.12 7.76
CA TRP B 49 -16.06 -40.09 6.75
C TRP B 49 -16.73 -40.51 5.45
N TYR B 50 -17.24 -39.51 4.73
CA TYR B 50 -17.92 -39.75 3.46
C TYR B 50 -17.55 -38.61 2.52
N VAL B 51 -16.81 -38.94 1.46
CA VAL B 51 -16.49 -37.97 0.43
C VAL B 51 -17.70 -37.81 -0.49
N CYS B 52 -18.24 -36.60 -0.54
CA CYS B 52 -19.46 -36.33 -1.29
C CYS B 52 -19.12 -35.92 -2.72
N ASP B 53 -19.81 -36.53 -3.68
CA ASP B 53 -19.75 -36.12 -5.08
C ASP B 53 -20.99 -35.26 -5.34
N VAL B 54 -20.81 -33.95 -5.36
CA VAL B 54 -21.95 -33.04 -5.48
C VAL B 54 -22.66 -33.20 -6.81
N LYS B 55 -21.98 -33.74 -7.82
CA LYS B 55 -22.62 -33.99 -9.11
C LYS B 55 -23.51 -35.22 -9.09
N ASP B 56 -23.38 -36.07 -8.07
CA ASP B 56 -24.28 -37.20 -7.90
C ASP B 56 -25.55 -36.73 -7.19
N GLU B 57 -26.70 -37.04 -7.78
CA GLU B 57 -27.96 -36.51 -7.27
C GLU B 57 -28.23 -37.00 -5.85
N LYS B 58 -27.84 -38.23 -5.55
CA LYS B 58 -28.10 -38.78 -4.21
C LYS B 58 -27.22 -38.11 -3.17
N ASP B 59 -25.92 -37.97 -3.45
CA ASP B 59 -25.03 -37.29 -2.51
C ASP B 59 -25.42 -35.83 -2.35
N ARG B 60 -25.82 -35.18 -3.44
CA ARG B 60 -26.25 -33.79 -3.35
C ARG B 60 -27.52 -33.67 -2.51
N SER B 61 -28.40 -34.66 -2.59
CA SER B 61 -29.61 -34.64 -1.77
C SER B 61 -29.27 -34.72 -0.29
N GLU B 62 -28.32 -35.58 0.08
CA GLU B 62 -27.94 -35.70 1.47
C GLU B 62 -27.37 -34.41 2.02
N ILE B 63 -26.63 -33.67 1.19
CA ILE B 63 -26.10 -32.38 1.62
C ILE B 63 -27.23 -31.38 1.83
N TYR B 64 -28.16 -31.33 0.87
CA TYR B 64 -29.26 -30.37 0.96
C TYR B 64 -30.10 -30.59 2.21
N THR B 65 -30.35 -31.86 2.55
CA THR B 65 -31.20 -32.15 3.71
C THR B 65 -30.52 -31.72 5.01
N LEU B 66 -29.20 -31.91 5.11
CA LEU B 66 -28.48 -31.50 6.32
C LEU B 66 -28.55 -29.99 6.51
N LEU B 67 -28.19 -29.23 5.47
CA LEU B 67 -28.15 -27.79 5.60
C LEU B 67 -29.55 -27.20 5.77
N THR B 68 -30.52 -27.71 5.02
CA THR B 68 -31.88 -27.19 5.12
C THR B 68 -32.42 -27.25 6.54
N ASP B 69 -32.03 -28.27 7.30
CA ASP B 69 -32.58 -28.49 8.62
C ASP B 69 -31.67 -28.03 9.75
N ASN B 70 -30.40 -27.73 9.48
CA ASN B 70 -29.44 -27.52 10.55
C ASN B 70 -28.47 -26.36 10.31
N TYR B 71 -28.66 -25.55 9.27
CA TYR B 71 -27.69 -24.51 8.98
C TYR B 71 -28.03 -23.26 9.80
N VAL B 72 -27.53 -22.09 9.38
CA VAL B 72 -27.53 -20.91 10.24
C VAL B 72 -28.96 -20.43 10.46
N GLU B 73 -29.24 -19.97 11.69
CA GLU B 73 -30.48 -19.31 12.02
C GLU B 73 -30.17 -17.91 12.55
N ASP B 74 -31.15 -17.01 12.44
CA ASP B 74 -30.96 -15.65 12.93
C ASP B 74 -30.95 -15.65 14.45
N ASP B 75 -30.70 -14.47 15.03
CA ASP B 75 -30.64 -14.34 16.48
C ASP B 75 -32.00 -14.55 17.13
N ASP B 76 -33.10 -14.39 16.39
CA ASP B 76 -34.44 -14.56 16.92
C ASP B 76 -35.03 -15.93 16.61
N ASN B 77 -34.32 -16.77 15.87
CA ASN B 77 -34.80 -18.11 15.53
C ASN B 77 -36.11 -18.04 14.75
N ILE B 78 -36.17 -17.14 13.78
CA ILE B 78 -37.30 -17.10 12.85
C ILE B 78 -36.90 -17.45 11.43
N PHE B 79 -35.62 -17.40 11.08
CA PHE B 79 -35.13 -17.70 9.74
C PHE B 79 -34.07 -18.80 9.81
N ARG B 80 -34.01 -19.59 8.73
CA ARG B 80 -32.90 -20.51 8.52
C ARG B 80 -32.60 -20.54 7.03
N PHE B 81 -31.32 -20.38 6.68
CA PHE B 81 -30.93 -20.38 5.28
C PHE B 81 -31.37 -21.67 4.60
N ASN B 82 -31.76 -21.55 3.33
CA ASN B 82 -32.29 -22.67 2.55
C ASN B 82 -31.57 -22.69 1.19
N TYR B 83 -30.27 -22.98 1.22
CA TYR B 83 -29.52 -23.13 -0.01
C TYR B 83 -30.13 -24.21 -0.88
N SER B 84 -30.35 -23.91 -2.15
CA SER B 84 -30.92 -24.87 -3.07
C SER B 84 -29.86 -25.86 -3.54
N ALA B 85 -30.31 -27.06 -3.91
CA ALA B 85 -29.39 -28.07 -4.44
C ALA B 85 -28.63 -27.54 -5.64
N GLU B 86 -29.30 -26.79 -6.51
CA GLU B 86 -28.63 -26.22 -7.67
C GLU B 86 -27.59 -25.19 -7.25
N PHE B 87 -27.89 -24.41 -6.22
CA PHE B 87 -26.92 -23.44 -5.72
C PHE B 87 -25.66 -24.13 -5.21
N LEU B 88 -25.84 -25.24 -4.46
CA LEU B 88 -24.69 -25.95 -3.93
C LEU B 88 -23.83 -26.54 -5.04
N LEU B 89 -24.48 -27.12 -6.05
CA LEU B 89 -23.73 -27.61 -7.21
C LEU B 89 -22.89 -26.50 -7.83
N TRP B 90 -23.43 -25.29 -7.88
CA TRP B 90 -22.70 -24.16 -8.45
C TRP B 90 -21.56 -23.71 -7.56
N ALA B 91 -21.81 -23.61 -6.25
CA ALA B 91 -20.82 -23.05 -5.35
C ALA B 91 -19.63 -23.98 -5.12
N LEU B 92 -19.76 -25.26 -5.45
CA LEU B 92 -18.73 -26.25 -5.13
C LEU B 92 -18.01 -26.80 -6.36
N THR B 93 -18.48 -26.52 -7.57
CA THR B 93 -17.88 -27.05 -8.79
C THR B 93 -17.10 -26.00 -9.56
N SER B 94 -16.49 -25.05 -8.85
CA SER B 94 -15.69 -24.03 -9.50
C SER B 94 -14.52 -24.69 -10.26
N PRO B 95 -13.89 -23.95 -11.18
CA PRO B 95 -12.82 -24.56 -11.98
C PRO B 95 -11.74 -25.16 -11.10
N ASN B 96 -11.31 -26.37 -11.48
CA ASN B 96 -10.23 -27.08 -10.79
C ASN B 96 -10.63 -27.48 -9.37
N TYR B 97 -11.91 -27.68 -9.12
CA TYR B 97 -12.34 -28.10 -7.80
C TYR B 97 -11.92 -29.54 -7.52
N LEU B 98 -11.72 -29.85 -6.24
CA LEU B 98 -11.29 -31.17 -5.81
C LEU B 98 -12.43 -31.86 -5.07
N LYS B 99 -12.86 -33.00 -5.60
CA LYS B 99 -13.89 -33.79 -4.94
C LYS B 99 -13.51 -34.08 -3.49
N THR B 100 -12.22 -34.29 -3.23
CA THR B 100 -11.77 -34.65 -1.89
C THR B 100 -11.94 -33.53 -0.87
N TRP B 101 -12.28 -32.32 -1.31
CA TRP B 101 -12.51 -31.21 -0.40
C TRP B 101 -13.97 -31.04 -0.01
N HIS B 102 -14.84 -31.95 -0.45
CA HIS B 102 -16.25 -31.94 -0.09
C HIS B 102 -16.50 -33.14 0.81
N ILE B 103 -16.21 -32.98 2.09
CA ILE B 103 -16.19 -34.10 3.04
C ILE B 103 -17.32 -33.93 4.04
N GLY B 104 -17.98 -35.04 4.37
CA GLY B 104 -19.01 -35.07 5.38
C GLY B 104 -18.82 -36.25 6.32
N VAL B 105 -19.70 -36.32 7.31
CA VAL B 105 -19.68 -37.39 8.31
C VAL B 105 -21.06 -38.03 8.35
N LYS B 106 -21.11 -39.34 8.30
CA LYS B 106 -22.35 -40.09 8.29
C LYS B 106 -22.55 -40.85 9.59
N TYR B 107 -23.81 -41.03 9.96
CA TYR B 107 -24.20 -41.95 11.05
C TYR B 107 -24.52 -43.29 10.40
N ASP B 108 -23.61 -44.26 10.56
CA ASP B 108 -23.67 -45.47 9.76
C ASP B 108 -24.96 -46.26 9.99
N ALA B 109 -25.52 -46.18 11.20
CA ALA B 109 -26.72 -46.96 11.49
C ALA B 109 -27.90 -46.54 10.63
N SER B 110 -27.94 -45.27 10.22
CA SER B 110 -29.03 -44.76 9.40
C SER B 110 -28.58 -44.27 8.04
N ASN B 111 -27.29 -44.33 7.73
CA ASN B 111 -26.76 -43.81 6.47
C ASN B 111 -27.12 -42.33 6.29
N LYS B 112 -27.21 -41.62 7.41
CA LYS B 112 -27.60 -40.22 7.43
C LYS B 112 -26.37 -39.33 7.55
N LEU B 113 -26.36 -38.25 6.79
CA LEU B 113 -25.30 -37.26 6.90
C LEU B 113 -25.58 -36.36 8.09
N ILE B 114 -24.59 -36.18 8.97
CA ILE B 114 -24.73 -35.38 10.17
C ILE B 114 -23.64 -34.32 10.31
N GLY B 115 -22.73 -34.21 9.34
CA GLY B 115 -21.69 -33.20 9.38
C GLY B 115 -21.16 -32.93 8.01
N PHE B 116 -20.72 -31.71 7.79
CA PHE B 116 -20.25 -31.32 6.46
C PHE B 116 -19.35 -30.11 6.55
N ILE B 117 -18.39 -30.04 5.62
CA ILE B 117 -17.54 -28.87 5.45
C ILE B 117 -16.90 -28.98 4.08
N SER B 118 -16.78 -27.85 3.39
CA SER B 118 -16.32 -27.84 2.01
C SER B 118 -15.30 -26.73 1.79
N ALA B 119 -14.57 -26.84 0.68
CA ALA B 119 -13.60 -25.83 0.29
C ALA B 119 -13.39 -25.90 -1.22
N ILE B 120 -13.09 -24.75 -1.81
CA ILE B 120 -12.74 -24.67 -3.23
C ILE B 120 -11.42 -23.90 -3.36
N PRO B 121 -10.64 -24.15 -4.40
CA PRO B 121 -9.36 -23.44 -4.56
C PRO B 121 -9.52 -22.12 -5.28
N THR B 122 -8.74 -21.12 -4.85
CA THR B 122 -8.83 -19.79 -5.44
C THR B 122 -7.53 -19.05 -5.16
N ASP B 123 -7.30 -18.00 -5.94
CA ASP B 123 -6.16 -17.10 -5.76
C ASP B 123 -6.65 -15.84 -5.08
N ILE B 124 -6.06 -15.52 -3.92
CA ILE B 124 -6.45 -14.37 -3.13
C ILE B 124 -5.29 -13.39 -3.08
N CYS B 125 -5.60 -12.11 -3.26
CA CYS B 125 -4.62 -11.03 -3.15
C CYS B 125 -4.87 -10.30 -1.83
N ILE B 126 -3.88 -10.32 -0.94
CA ILE B 126 -3.95 -9.66 0.35
C ILE B 126 -2.75 -8.73 0.47
N HIS B 127 -3.02 -7.43 0.56
CA HIS B 127 -1.97 -6.42 0.68
C HIS B 127 -0.94 -6.58 -0.43
N LYS B 128 -1.43 -6.70 -1.66
CA LYS B 128 -0.60 -6.74 -2.87
C LYS B 128 0.26 -7.99 -2.95
N ARG B 129 -0.18 -9.08 -2.34
CA ARG B 129 0.46 -10.38 -2.49
C ARG B 129 -0.59 -11.41 -2.85
N THR B 130 -0.36 -12.13 -3.95
CA THR B 130 -1.28 -13.15 -4.45
C THR B 130 -0.84 -14.51 -3.94
N ILE B 131 -1.74 -15.18 -3.23
CA ILE B 131 -1.45 -16.47 -2.59
C ILE B 131 -2.56 -17.45 -2.97
N LYS B 132 -2.17 -18.68 -3.27
N LYS B 132 -2.17 -18.69 -3.26
CA LYS B 132 -3.12 -19.75 -3.51
CA LYS B 132 -3.16 -19.73 -3.54
C LYS B 132 -3.73 -20.19 -2.18
C LYS B 132 -3.74 -20.23 -2.22
N MET B 133 -5.05 -20.04 -2.06
CA MET B 133 -5.75 -20.36 -0.82
C MET B 133 -6.92 -21.30 -1.09
N ALA B 134 -7.52 -21.75 0.00
CA ALA B 134 -8.77 -22.51 -0.04
C ALA B 134 -9.87 -21.66 0.57
N GLU B 135 -11.04 -21.67 -0.07
CA GLU B 135 -12.20 -20.91 0.39
C GLU B 135 -13.14 -21.90 1.07
N VAL B 136 -13.18 -21.85 2.40
CA VAL B 136 -13.95 -22.80 3.22
C VAL B 136 -15.36 -22.25 3.42
N ASN B 137 -16.34 -23.15 3.42
CA ASN B 137 -17.74 -22.75 3.56
C ASN B 137 -18.58 -23.97 3.90
N PHE B 138 -19.78 -23.71 4.43
CA PHE B 138 -20.81 -24.73 4.65
C PHE B 138 -20.46 -25.69 5.80
N LEU B 139 -19.82 -25.17 6.84
CA LEU B 139 -19.60 -25.95 8.05
C LEU B 139 -20.93 -26.17 8.77
N CYS B 140 -21.31 -27.42 8.98
CA CYS B 140 -22.60 -27.71 9.59
C CYS B 140 -22.53 -29.01 10.37
N VAL B 141 -23.11 -28.98 11.57
CA VAL B 141 -23.25 -30.17 12.41
C VAL B 141 -24.71 -30.30 12.81
N HIS B 142 -25.22 -31.53 12.77
CA HIS B 142 -26.63 -31.77 13.07
C HIS B 142 -26.99 -31.20 14.44
N LYS B 143 -28.22 -30.68 14.55
CA LYS B 143 -28.65 -30.06 15.79
C LYS B 143 -28.49 -30.99 16.98
N THR B 144 -28.77 -32.28 16.78
CA THR B 144 -28.73 -33.23 17.88
C THR B 144 -27.32 -33.50 18.40
N LEU B 145 -26.30 -33.17 17.61
CA LEU B 145 -24.90 -33.42 17.99
C LEU B 145 -24.13 -32.14 18.27
N ARG B 146 -24.82 -31.05 18.60
CA ARG B 146 -24.15 -29.80 18.89
C ARG B 146 -23.42 -29.88 20.23
N SER B 147 -22.33 -29.11 20.33
CA SER B 147 -21.52 -29.01 21.56
C SER B 147 -20.86 -30.34 21.90
N LYS B 148 -20.54 -31.15 20.88
CA LYS B 148 -19.83 -32.41 21.06
C LYS B 148 -18.41 -32.34 20.52
N ARG B 149 -17.92 -31.14 20.17
CA ARG B 149 -16.56 -30.96 19.66
C ARG B 149 -16.37 -31.69 18.33
N LEU B 150 -17.41 -31.68 17.49
CA LEU B 150 -17.30 -32.27 16.16
C LEU B 150 -16.80 -31.27 15.12
N ALA B 151 -17.02 -29.98 15.35
CA ALA B 151 -16.55 -28.99 14.39
C ALA B 151 -15.03 -28.96 14.29
N PRO B 152 -14.27 -28.99 15.38
CA PRO B 152 -12.81 -29.09 15.24
C PRO B 152 -12.38 -30.25 14.35
N VAL B 153 -12.96 -31.43 14.54
CA VAL B 153 -12.59 -32.59 13.74
C VAL B 153 -12.83 -32.30 12.26
N LEU B 154 -13.96 -31.67 11.94
CA LEU B 154 -14.24 -31.32 10.56
C LEU B 154 -13.23 -30.32 10.01
N ILE B 155 -12.81 -29.38 10.85
CA ILE B 155 -11.86 -28.36 10.41
C ILE B 155 -10.48 -28.97 10.20
N LYS B 156 -10.09 -29.89 11.09
CA LYS B 156 -8.76 -30.47 10.99
C LYS B 156 -8.65 -31.43 9.80
N GLU B 157 -9.73 -32.16 9.51
CA GLU B 157 -9.70 -33.09 8.39
C GLU B 157 -9.59 -32.37 7.06
N ILE B 158 -10.35 -31.28 6.88
CA ILE B 158 -10.28 -30.54 5.62
C ILE B 158 -8.95 -29.81 5.52
N THR B 159 -8.43 -29.31 6.66
CA THR B 159 -7.11 -28.70 6.66
C THR B 159 -6.05 -29.69 6.19
N ARG B 160 -6.17 -30.94 6.66
CA ARG B 160 -5.22 -31.98 6.25
C ARG B 160 -5.31 -32.22 4.76
N ARG B 161 -6.53 -32.33 4.22
CA ARG B 161 -6.71 -32.58 2.80
C ARG B 161 -6.26 -31.38 1.97
N ILE B 162 -6.44 -30.16 2.48
CA ILE B 162 -5.97 -28.98 1.75
C ILE B 162 -4.46 -28.96 1.71
N ASN B 163 -3.80 -29.35 2.81
CA ASN B 163 -2.34 -29.34 2.84
C ASN B 163 -1.75 -30.39 1.90
N LEU B 164 -2.48 -31.48 1.65
CA LEU B 164 -1.99 -32.50 0.73
C LEU B 164 -1.92 -32.00 -0.71
N GLU B 165 -2.50 -30.84 -1.01
CA GLU B 165 -2.37 -30.21 -2.31
C GLU B 165 -1.34 -29.09 -2.30
N ASN B 166 -0.51 -29.02 -1.27
CA ASN B 166 0.52 -27.99 -1.14
C ASN B 166 -0.09 -26.59 -0.97
N ILE B 167 -1.25 -26.51 -0.34
CA ILE B 167 -1.90 -25.25 -0.03
C ILE B 167 -1.92 -25.09 1.49
N TRP B 168 -1.55 -23.90 1.97
CA TRP B 168 -1.31 -23.68 3.38
C TRP B 168 -2.02 -22.45 3.93
N GLN B 169 -2.84 -21.78 3.13
CA GLN B 169 -3.63 -20.65 3.59
C GLN B 169 -5.10 -20.89 3.23
N ALA B 170 -6.00 -20.21 3.95
CA ALA B 170 -7.42 -20.33 3.71
C ALA B 170 -8.12 -19.04 4.06
N ILE B 171 -9.27 -18.81 3.44
CA ILE B 171 -10.09 -17.64 3.69
C ILE B 171 -11.51 -18.11 3.98
N TYR B 172 -12.18 -17.42 4.90
CA TYR B 172 -13.53 -17.81 5.29
C TYR B 172 -14.18 -16.67 6.05
N THR B 173 -15.50 -16.69 6.07
CA THR B 173 -16.30 -15.71 6.78
C THR B 173 -17.20 -16.42 7.80
N ALA B 174 -17.77 -15.63 8.71
CA ALA B 174 -18.65 -16.15 9.75
C ALA B 174 -19.23 -14.99 10.53
N GLY B 175 -20.46 -15.18 11.01
CA GLY B 175 -21.11 -14.15 11.80
C GLY B 175 -20.61 -14.09 13.23
N VAL B 176 -20.17 -15.24 13.77
CA VAL B 176 -19.67 -15.28 15.14
C VAL B 176 -18.23 -14.78 15.18
N TYR B 177 -17.82 -14.28 16.34
CA TYR B 177 -16.48 -13.75 16.52
C TYR B 177 -15.51 -14.86 16.88
N LEU B 178 -14.40 -14.92 16.16
CA LEU B 178 -13.36 -15.91 16.36
C LEU B 178 -12.02 -15.21 16.28
N PRO B 179 -10.94 -15.84 16.76
CA PRO B 179 -9.59 -15.28 16.58
C PRO B 179 -9.09 -15.54 15.16
N LYS B 180 -8.90 -14.47 14.37
CA LYS B 180 -9.24 -13.08 14.71
C LYS B 180 -9.54 -12.33 13.40
N PRO B 181 -10.60 -11.53 13.38
CA PRO B 181 -11.04 -10.95 12.10
C PRO B 181 -10.01 -10.00 11.51
N VAL B 182 -9.76 -10.15 10.21
CA VAL B 182 -9.01 -9.14 9.49
C VAL B 182 -9.89 -7.97 9.08
N SER B 183 -11.19 -8.17 8.97
CA SER B 183 -12.13 -7.10 8.70
C SER B 183 -13.51 -7.52 9.21
N ASP B 184 -14.35 -6.51 9.49
CA ASP B 184 -15.65 -6.74 10.10
C ASP B 184 -16.65 -5.81 9.40
N ALA B 185 -17.66 -6.40 8.77
CA ALA B 185 -18.59 -5.65 7.93
C ALA B 185 -20.02 -5.87 8.41
N ARG B 186 -20.69 -4.78 8.78
CA ARG B 186 -22.11 -4.85 9.07
C ARG B 186 -22.89 -5.04 7.78
N TYR B 187 -24.01 -5.76 7.87
CA TYR B 187 -24.87 -6.01 6.72
C TYR B 187 -26.14 -5.19 6.83
N TYR B 188 -26.65 -4.81 5.66
CA TYR B 188 -27.84 -3.98 5.53
C TYR B 188 -28.86 -4.70 4.66
N HIS B 189 -30.12 -4.27 4.76
N HIS B 189 -30.11 -4.25 4.75
CA HIS B 189 -31.20 -4.87 3.99
CA HIS B 189 -31.22 -4.85 4.03
C HIS B 189 -32.03 -3.76 3.34
C HIS B 189 -32.02 -3.76 3.33
N ARG B 190 -32.62 -4.11 2.19
CA ARG B 190 -33.44 -3.20 1.40
C ARG B 190 -34.77 -3.88 1.13
N SER B 191 -35.84 -3.39 1.76
CA SER B 191 -37.15 -4.00 1.59
C SER B 191 -37.65 -3.81 0.16
N ILE B 192 -38.32 -4.84 -0.36
CA ILE B 192 -38.94 -4.79 -1.67
C ILE B 192 -40.40 -5.20 -1.52
N ASN B 193 -40.64 -6.39 -0.97
CA ASN B 193 -41.99 -6.89 -0.72
C ASN B 193 -42.36 -6.51 0.71
N VAL B 194 -42.80 -5.25 0.87
CA VAL B 194 -43.06 -4.71 2.19
C VAL B 194 -44.16 -5.51 2.89
N LYS B 195 -45.25 -5.80 2.17
CA LYS B 195 -46.34 -6.56 2.76
C LYS B 195 -45.85 -7.85 3.40
N LYS B 196 -45.07 -8.63 2.66
CA LYS B 196 -44.63 -9.93 3.16
C LYS B 196 -43.67 -9.79 4.34
N LEU B 197 -42.75 -8.83 4.26
CA LEU B 197 -41.79 -8.64 5.35
C LEU B 197 -42.49 -8.27 6.66
N ILE B 198 -43.63 -7.57 6.58
CA ILE B 198 -44.35 -7.20 7.78
C ILE B 198 -45.07 -8.40 8.37
N GLU B 199 -45.75 -9.18 7.53
CA GLU B 199 -46.52 -10.33 8.03
C GLU B 199 -45.61 -11.33 8.74
N ILE B 200 -44.42 -11.57 8.20
CA ILE B 200 -43.49 -12.50 8.83
C ILE B 200 -42.82 -11.90 10.06
N GLY B 201 -43.02 -10.62 10.33
CA GLY B 201 -42.51 -10.00 11.53
C GLY B 201 -41.09 -9.50 11.44
N PHE B 202 -40.54 -9.33 10.24
CA PHE B 202 -39.19 -8.79 10.11
C PHE B 202 -39.19 -7.28 10.21
N SER B 203 -40.02 -6.61 9.41
CA SER B 203 -40.13 -5.16 9.45
C SER B 203 -41.16 -4.75 10.49
N SER B 204 -41.04 -3.51 10.94
CA SER B 204 -41.91 -2.96 11.98
C SER B 204 -42.52 -1.66 11.51
N LEU B 205 -43.67 -1.32 12.09
CA LEU B 205 -44.40 -0.11 11.79
C LEU B 205 -44.61 0.69 13.07
N ASN B 206 -45.03 1.93 12.91
CA ASN B 206 -45.31 2.83 14.03
C ASN B 206 -46.29 3.89 13.57
N SER B 207 -46.58 4.86 14.44
CA SER B 207 -47.52 5.91 14.10
C SER B 207 -47.05 6.70 12.88
N ARG B 208 -45.75 6.98 12.80
CA ARG B 208 -45.23 7.78 11.70
C ARG B 208 -45.23 7.00 10.40
N LEU B 209 -45.01 5.68 10.46
CA LEU B 209 -44.90 4.82 9.29
C LEU B 209 -46.00 3.77 9.37
N THR B 210 -47.15 4.05 8.76
CA THR B 210 -48.25 3.10 8.70
C THR B 210 -47.99 2.07 7.61
N MET B 211 -48.94 1.13 7.46
CA MET B 211 -48.80 0.09 6.46
C MET B 211 -48.72 0.68 5.05
N SER B 212 -49.67 1.56 4.71
CA SER B 212 -49.67 2.15 3.38
C SER B 212 -48.51 3.11 3.20
N ARG B 213 -48.12 3.83 4.26
N ARG B 213 -48.13 3.84 4.27
CA ARG B 213 -47.03 4.78 4.16
CA ARG B 213 -47.03 4.78 4.17
C ARG B 213 -45.72 4.08 3.82
C ARG B 213 -45.74 4.06 3.81
N ALA B 214 -45.52 2.86 4.36
CA ALA B 214 -44.29 2.13 4.07
C ALA B 214 -44.28 1.59 2.65
N ILE B 215 -45.45 1.18 2.14
CA ILE B 215 -45.52 0.65 0.79
C ILE B 215 -45.12 1.72 -0.22
N LYS B 216 -45.63 2.94 -0.05
CA LYS B 216 -45.24 4.02 -0.95
C LYS B 216 -43.76 4.35 -0.81
N LEU B 217 -43.24 4.30 0.41
CA LEU B 217 -41.85 4.70 0.65
C LEU B 217 -40.88 3.79 -0.08
N TYR B 218 -41.12 2.48 -0.06
CA TYR B 218 -40.21 1.51 -0.65
C TYR B 218 -40.60 1.12 -2.08
N ARG B 219 -41.58 1.81 -2.66
CA ARG B 219 -41.93 1.58 -4.06
C ARG B 219 -40.77 2.01 -4.95
N VAL B 220 -40.42 1.18 -5.94
CA VAL B 220 -39.31 1.44 -6.85
C VAL B 220 -39.86 1.65 -8.25
N GLU B 221 -39.23 2.54 -9.00
CA GLU B 221 -39.60 2.77 -10.38
C GLU B 221 -39.12 1.61 -11.25
N ASP B 222 -39.97 1.18 -12.18
CA ASP B 222 -39.64 0.06 -13.07
C ASP B 222 -38.93 0.55 -14.33
N THR B 223 -37.93 1.41 -14.14
CA THR B 223 -37.11 1.91 -15.24
C THR B 223 -35.66 1.91 -14.81
N LEU B 224 -34.79 1.38 -15.67
CA LEU B 224 -33.37 1.30 -15.37
C LEU B 224 -32.69 2.65 -15.64
N ASN B 225 -31.72 2.98 -14.79
CA ASN B 225 -30.89 4.16 -15.06
C ASN B 225 -29.93 3.89 -16.21
N ILE B 226 -29.43 2.67 -16.31
CA ILE B 226 -28.63 2.23 -17.45
C ILE B 226 -29.54 1.36 -18.31
N LYS B 227 -29.99 1.91 -19.43
CA LYS B 227 -31.08 1.28 -20.20
C LYS B 227 -30.65 -0.05 -20.81
N ASN B 228 -29.38 -0.21 -21.15
CA ASN B 228 -28.92 -1.35 -21.92
C ASN B 228 -28.41 -2.50 -21.05
N MET B 229 -28.73 -2.51 -19.76
CA MET B 229 -28.37 -3.63 -18.90
C MET B 229 -29.11 -4.88 -19.37
N ARG B 230 -28.33 -5.94 -19.65
CA ARG B 230 -28.88 -7.20 -20.14
C ARG B 230 -28.14 -8.37 -19.51
N LEU B 231 -28.79 -9.54 -19.53
CA LEU B 231 -28.17 -10.74 -19.00
C LEU B 231 -26.82 -11.00 -19.68
N MET B 232 -25.86 -11.46 -18.88
CA MET B 232 -24.53 -11.75 -19.40
C MET B 232 -24.54 -13.00 -20.28
N LYS B 233 -23.65 -13.02 -21.26
CA LYS B 233 -23.49 -14.16 -22.15
C LYS B 233 -22.03 -14.58 -22.22
N LYS B 234 -21.79 -15.78 -22.75
CA LYS B 234 -20.43 -16.30 -22.84
C LYS B 234 -19.51 -15.34 -23.59
N LYS B 235 -20.00 -14.75 -24.68
CA LYS B 235 -19.16 -13.82 -25.45
C LYS B 235 -18.75 -12.60 -24.63
N ASP B 236 -19.37 -12.37 -23.47
CA ASP B 236 -19.03 -11.24 -22.62
C ASP B 236 -18.04 -11.60 -21.53
N VAL B 237 -17.51 -12.83 -21.54
CA VAL B 237 -16.65 -13.29 -20.45
C VAL B 237 -15.38 -12.44 -20.38
N GLU B 238 -14.71 -12.26 -21.52
CA GLU B 238 -13.45 -11.54 -21.51
C GLU B 238 -13.64 -10.07 -21.14
N GLY B 239 -14.76 -9.47 -21.55
CA GLY B 239 -15.03 -8.10 -21.16
C GLY B 239 -15.25 -7.95 -19.66
N VAL B 240 -15.92 -8.93 -19.06
CA VAL B 240 -16.13 -8.89 -17.61
C VAL B 240 -14.82 -9.17 -16.88
N HIS B 241 -14.00 -10.07 -17.41
CA HIS B 241 -12.70 -10.35 -16.80
C HIS B 241 -11.86 -9.08 -16.74
N LYS B 242 -11.83 -8.30 -17.82
CA LYS B 242 -11.06 -7.05 -17.82
C LYS B 242 -11.69 -6.02 -16.89
N LEU B 243 -13.02 -5.86 -16.96
CA LEU B 243 -13.69 -4.85 -16.15
C LEU B 243 -13.51 -5.14 -14.67
N LEU B 244 -13.97 -6.30 -14.20
CA LEU B 244 -13.89 -6.62 -12.79
C LEU B 244 -12.44 -6.73 -12.32
N GLY B 245 -11.56 -7.23 -13.18
CA GLY B 245 -10.16 -7.37 -12.79
C GLY B 245 -9.52 -6.03 -12.47
N SER B 246 -9.76 -5.02 -13.30
N SER B 246 -9.76 -5.02 -13.30
CA SER B 246 -9.18 -3.70 -13.04
CA SER B 246 -9.18 -3.70 -13.04
C SER B 246 -9.81 -3.05 -11.81
C SER B 246 -9.81 -3.05 -11.81
N TYR B 247 -11.12 -3.23 -11.62
CA TYR B 247 -11.80 -2.60 -10.50
C TYR B 247 -11.30 -3.11 -9.16
N LEU B 248 -11.08 -4.43 -9.05
CA LEU B 248 -10.77 -5.02 -7.75
C LEU B 248 -9.38 -4.69 -7.26
N GLU B 249 -8.46 -4.32 -8.15
CA GLU B 249 -7.09 -4.02 -7.73
C GLU B 249 -7.01 -2.85 -6.76
N GLN B 250 -8.08 -2.06 -6.61
CA GLN B 250 -8.05 -0.93 -5.70
C GLN B 250 -8.33 -1.30 -4.26
N PHE B 251 -8.55 -2.59 -3.96
CA PHE B 251 -8.92 -3.04 -2.63
C PHE B 251 -7.80 -3.87 -2.02
N ASN B 252 -7.82 -3.98 -0.69
CA ASN B 252 -6.76 -4.66 0.04
C ASN B 252 -6.95 -6.17 0.08
N LEU B 253 -8.14 -6.67 -0.23
CA LEU B 253 -8.42 -8.10 -0.19
C LEU B 253 -9.39 -8.44 -1.31
N TYR B 254 -8.96 -9.28 -2.25
CA TYR B 254 -9.83 -9.65 -3.36
C TYR B 254 -9.26 -10.90 -4.03
N ALA B 255 -10.09 -11.52 -4.86
CA ALA B 255 -9.72 -12.73 -5.58
C ALA B 255 -9.29 -12.36 -7.00
N VAL B 256 -8.29 -13.08 -7.50
CA VAL B 256 -7.78 -12.90 -8.85
C VAL B 256 -8.43 -13.97 -9.74
N PHE B 257 -9.29 -13.54 -10.65
CA PHE B 257 -10.09 -14.45 -11.46
C PHE B 257 -9.35 -14.82 -12.75
N THR B 258 -9.49 -16.08 -13.15
CA THR B 258 -9.11 -16.51 -14.48
C THR B 258 -10.30 -16.41 -15.43
N LYS B 259 -10.04 -16.59 -16.72
CA LYS B 259 -11.13 -16.55 -17.70
C LYS B 259 -12.19 -17.59 -17.38
N GLU B 260 -11.77 -18.79 -16.98
CA GLU B 260 -12.73 -19.84 -16.64
C GLU B 260 -13.48 -19.51 -15.35
N GLU B 261 -12.80 -18.93 -14.37
CA GLU B 261 -13.46 -18.58 -13.12
C GLU B 261 -14.53 -17.52 -13.32
N ILE B 262 -14.28 -16.57 -14.22
CA ILE B 262 -15.30 -15.56 -14.53
C ILE B 262 -16.54 -16.23 -15.12
N ALA B 263 -16.33 -17.12 -16.09
CA ALA B 263 -17.47 -17.78 -16.73
C ALA B 263 -18.30 -18.55 -15.70
N HIS B 264 -17.64 -19.26 -14.79
CA HIS B 264 -18.37 -20.09 -13.85
C HIS B 264 -19.12 -19.24 -12.82
N TRP B 265 -18.47 -18.22 -12.27
CA TRP B 265 -19.06 -17.47 -11.16
C TRP B 265 -20.09 -16.43 -11.59
N PHE B 266 -20.16 -16.08 -12.88
CA PHE B 266 -20.99 -14.95 -13.30
C PHE B 266 -21.99 -15.26 -14.40
N LEU B 267 -21.88 -16.38 -15.10
CA LEU B 267 -22.86 -16.68 -16.14
C LEU B 267 -24.19 -17.03 -15.50
N PRO B 268 -25.30 -16.45 -15.95
CA PRO B 268 -26.55 -16.55 -15.18
C PRO B 268 -27.09 -17.96 -15.09
N ILE B 269 -27.62 -18.29 -13.92
CA ILE B 269 -28.39 -19.50 -13.69
C ILE B 269 -29.62 -19.11 -12.90
N GLU B 270 -30.80 -19.36 -13.46
CA GLU B 270 -32.02 -18.91 -12.81
C GLU B 270 -32.12 -19.45 -11.39
N ASN B 271 -32.56 -18.60 -10.47
CA ASN B 271 -32.70 -18.94 -9.05
C ASN B 271 -31.37 -19.29 -8.40
N VAL B 272 -30.26 -18.83 -8.96
CA VAL B 272 -28.94 -19.08 -8.37
C VAL B 272 -28.09 -17.82 -8.48
N ILE B 273 -27.71 -17.45 -9.70
CA ILE B 273 -26.81 -16.32 -9.93
C ILE B 273 -27.35 -15.48 -11.08
N TYR B 274 -27.44 -14.17 -10.85
CA TYR B 274 -27.93 -13.22 -11.84
C TYR B 274 -26.83 -12.20 -12.12
N THR B 275 -26.45 -12.07 -13.39
CA THR B 275 -25.43 -11.11 -13.79
C THR B 275 -25.92 -10.33 -14.99
N TYR B 276 -25.81 -9.00 -14.91
CA TYR B 276 -26.20 -8.11 -16.00
C TYR B 276 -25.02 -7.24 -16.38
N VAL B 277 -24.96 -6.88 -17.67
CA VAL B 277 -23.83 -6.14 -18.22
C VAL B 277 -24.33 -5.02 -19.12
N ASN B 278 -23.47 -4.04 -19.34
CA ASN B 278 -23.74 -2.91 -20.24
C ASN B 278 -22.61 -2.85 -21.27
N GLU B 279 -22.91 -3.31 -22.48
CA GLU B 279 -21.96 -3.27 -23.58
C GLU B 279 -22.12 -1.94 -24.32
N GLU B 280 -21.03 -1.19 -24.45
N GLU B 280 -21.04 -1.18 -24.43
CA GLU B 280 -21.03 0.12 -25.09
CA GLU B 280 -21.05 0.11 -25.11
C GLU B 280 -19.84 0.19 -26.03
C GLU B 280 -19.85 0.19 -26.02
N ASN B 281 -20.11 0.36 -27.32
CA ASN B 281 -19.05 0.45 -28.33
C ASN B 281 -18.20 -0.82 -28.34
N GLY B 282 -18.85 -1.96 -28.13
CA GLY B 282 -18.17 -3.24 -28.11
C GLY B 282 -17.41 -3.55 -26.84
N LYS B 283 -17.41 -2.66 -25.86
N LYS B 283 -17.45 -2.68 -25.84
CA LYS B 283 -16.70 -2.85 -24.60
CA LYS B 283 -16.70 -2.85 -24.60
C LYS B 283 -17.69 -2.96 -23.46
C LYS B 283 -17.65 -2.92 -23.44
N ILE B 284 -17.44 -3.90 -22.56
CA ILE B 284 -18.26 -4.05 -21.35
C ILE B 284 -17.81 -2.99 -20.34
N LYS B 285 -18.73 -2.10 -19.97
CA LYS B 285 -18.39 -0.95 -19.14
C LYS B 285 -19.13 -0.89 -17.81
N ASP B 286 -20.14 -1.73 -17.59
CA ASP B 286 -20.86 -1.77 -16.32
C ASP B 286 -21.37 -3.18 -16.10
N MET B 287 -21.38 -3.63 -14.85
CA MET B 287 -21.90 -4.95 -14.51
C MET B 287 -22.61 -4.91 -13.16
N ILE B 288 -23.63 -5.75 -13.04
CA ILE B 288 -24.37 -5.96 -11.80
C ILE B 288 -24.52 -7.46 -11.59
N SER B 289 -24.32 -7.91 -10.36
CA SER B 289 -24.49 -9.32 -10.03
C SER B 289 -25.00 -9.48 -8.62
N PHE B 290 -25.83 -10.52 -8.43
CA PHE B 290 -26.34 -10.91 -7.13
C PHE B 290 -26.82 -12.35 -7.21
N TYR B 291 -26.73 -13.07 -6.09
CA TYR B 291 -27.11 -14.47 -6.04
C TYR B 291 -28.28 -14.66 -5.08
N SER B 292 -28.92 -15.83 -5.22
CA SER B 292 -30.14 -16.15 -4.50
C SER B 292 -29.84 -17.04 -3.30
N LEU B 293 -30.45 -16.70 -2.17
CA LEU B 293 -30.32 -17.50 -0.95
C LEU B 293 -31.60 -17.30 -0.14
N PRO B 294 -32.55 -18.24 -0.24
CA PRO B 294 -33.77 -18.11 0.55
C PRO B 294 -33.51 -18.38 2.03
N SER B 295 -34.42 -17.87 2.87
CA SER B 295 -34.44 -18.14 4.30
C SER B 295 -35.78 -18.79 4.63
N GLN B 296 -35.74 -20.05 5.04
CA GLN B 296 -36.96 -20.72 5.47
C GLN B 296 -37.56 -20.00 6.67
N ILE B 297 -38.88 -19.86 6.66
CA ILE B 297 -39.61 -19.20 7.73
C ILE B 297 -40.16 -20.29 8.65
N LEU B 298 -39.76 -20.24 9.92
CA LEU B 298 -40.06 -21.30 10.87
C LEU B 298 -41.39 -21.04 11.56
N GLY B 299 -42.29 -22.02 11.48
CA GLY B 299 -43.57 -21.94 12.16
C GLY B 299 -44.38 -20.73 11.78
N ASN B 300 -44.77 -20.62 10.51
CA ASN B 300 -45.62 -19.55 10.04
C ASN B 300 -46.76 -20.15 9.22
N ASP B 301 -47.98 -19.69 9.48
CA ASP B 301 -49.15 -20.26 8.81
C ASP B 301 -49.21 -19.85 7.35
N LYS B 302 -48.84 -18.62 7.03
CA LYS B 302 -48.99 -18.08 5.68
C LYS B 302 -47.80 -18.46 4.81
N TYR B 303 -46.65 -17.83 5.06
CA TYR B 303 -45.46 -17.99 4.23
C TYR B 303 -44.49 -18.99 4.84
N SER B 304 -43.66 -19.57 3.98
CA SER B 304 -42.64 -20.52 4.40
C SER B 304 -41.27 -20.25 3.78
N THR B 305 -41.16 -19.25 2.90
CA THR B 305 -39.90 -18.94 2.23
C THR B 305 -39.80 -17.44 2.03
N LEU B 306 -38.65 -16.88 2.41
CA LEU B 306 -38.33 -15.48 2.14
C LEU B 306 -37.26 -15.46 1.06
N ASN B 307 -37.63 -15.01 -0.14
CA ASN B 307 -36.70 -14.98 -1.26
C ASN B 307 -35.86 -13.70 -1.20
N ALA B 308 -34.55 -13.87 -1.01
CA ALA B 308 -33.65 -12.75 -0.80
C ALA B 308 -32.51 -12.81 -1.81
N ALA B 309 -32.16 -11.64 -2.34
CA ALA B 309 -31.01 -11.49 -3.22
C ALA B 309 -29.87 -10.86 -2.45
N TYR B 310 -28.64 -11.33 -2.71
CA TYR B 310 -27.45 -10.84 -2.04
C TYR B 310 -26.52 -10.20 -3.05
N SER B 311 -26.16 -8.95 -2.81
CA SER B 311 -25.20 -8.24 -3.65
C SER B 311 -23.92 -9.05 -3.80
N PHE B 312 -23.43 -9.15 -5.04
CA PHE B 312 -22.27 -9.95 -5.35
C PHE B 312 -21.16 -8.99 -5.79
N TYR B 313 -21.02 -8.71 -7.08
CA TYR B 313 -20.03 -7.75 -7.57
C TYR B 313 -20.72 -6.77 -8.50
N ASN B 314 -20.42 -5.48 -8.34
CA ASN B 314 -21.06 -4.42 -9.11
C ASN B 314 -20.02 -3.37 -9.47
N VAL B 315 -19.85 -3.11 -10.76
CA VAL B 315 -18.89 -2.13 -11.25
C VAL B 315 -19.59 -1.23 -12.27
N THR B 316 -19.24 0.06 -12.25
CA THR B 316 -19.77 1.01 -13.20
C THR B 316 -18.67 1.98 -13.62
N THR B 317 -18.58 2.25 -14.92
CA THR B 317 -17.68 3.25 -15.45
C THR B 317 -18.38 4.33 -16.26
N THR B 318 -19.67 4.17 -16.57
CA THR B 318 -20.42 5.16 -17.32
C THR B 318 -21.49 5.87 -16.49
N ALA B 319 -21.79 5.40 -15.29
CA ALA B 319 -22.79 6.01 -14.44
C ALA B 319 -22.26 6.18 -13.02
N THR B 320 -23.13 6.54 -12.08
CA THR B 320 -22.77 6.63 -10.68
C THR B 320 -23.08 5.31 -9.97
N PHE B 321 -22.41 5.11 -8.83
CA PHE B 321 -22.64 3.88 -8.07
C PHE B 321 -24.04 3.85 -7.49
N LYS B 322 -24.56 5.00 -7.08
CA LYS B 322 -25.95 5.08 -6.65
C LYS B 322 -26.88 4.57 -7.74
N GLN B 323 -26.69 5.07 -8.97
CA GLN B 323 -27.50 4.60 -10.09
C GLN B 323 -27.32 3.11 -10.31
N LEU B 324 -26.08 2.63 -10.26
CA LEU B 324 -25.83 1.21 -10.50
C LEU B 324 -26.57 0.35 -9.49
N MET B 325 -26.41 0.64 -8.20
CA MET B 325 -27.08 -0.15 -7.17
C MET B 325 -28.59 0.03 -7.21
N GLN B 326 -29.07 1.19 -7.63
CA GLN B 326 -30.52 1.38 -7.79
C GLN B 326 -31.07 0.46 -8.87
N ASP B 327 -30.30 0.25 -9.94
CA ASP B 327 -30.70 -0.72 -10.96
C ASP B 327 -30.61 -2.14 -10.43
N ALA B 328 -29.61 -2.42 -9.59
CA ALA B 328 -29.50 -3.74 -8.99
C ALA B 328 -30.75 -4.09 -8.19
N ILE B 329 -31.23 -3.14 -7.37
CA ILE B 329 -32.45 -3.36 -6.61
C ILE B 329 -33.62 -3.61 -7.54
N LEU B 330 -33.73 -2.82 -8.61
CA LEU B 330 -34.83 -2.98 -9.56
C LEU B 330 -34.79 -4.35 -10.23
N LEU B 331 -33.60 -4.78 -10.65
CA LEU B 331 -33.49 -6.08 -11.31
C LEU B 331 -33.82 -7.22 -10.35
N ALA B 332 -33.60 -7.03 -9.05
CA ALA B 332 -33.99 -8.06 -8.09
C ALA B 332 -35.50 -8.15 -7.96
N LYS B 333 -36.19 -7.00 -7.95
CA LYS B 333 -37.65 -7.02 -7.92
C LYS B 333 -38.21 -7.72 -9.16
N ARG B 334 -37.67 -7.41 -10.33
CA ARG B 334 -38.18 -8.00 -11.56
C ARG B 334 -38.08 -9.53 -11.53
N ASN B 335 -37.12 -10.07 -10.78
CA ASN B 335 -36.99 -11.51 -10.61
C ASN B 335 -37.68 -12.02 -9.35
N ASN B 336 -38.60 -11.23 -8.79
CA ASN B 336 -39.49 -11.67 -7.72
C ASN B 336 -38.73 -11.95 -6.42
N PHE B 337 -37.68 -11.19 -6.13
CA PHE B 337 -36.99 -11.26 -4.84
C PHE B 337 -37.65 -10.32 -3.85
N ASP B 338 -37.77 -10.78 -2.60
CA ASP B 338 -38.49 -10.03 -1.58
C ASP B 338 -37.64 -8.99 -0.87
N VAL B 339 -36.31 -9.12 -0.90
CA VAL B 339 -35.43 -8.21 -0.19
C VAL B 339 -34.07 -8.22 -0.87
N PHE B 340 -33.35 -7.12 -0.77
CA PHE B 340 -32.01 -6.97 -1.33
C PHE B 340 -31.05 -6.66 -0.20
N ASN B 341 -30.08 -7.55 0.00
CA ASN B 341 -29.13 -7.45 1.11
C ASN B 341 -27.73 -7.17 0.59
N ALA B 342 -26.96 -6.44 1.40
CA ALA B 342 -25.60 -6.06 1.01
C ALA B 342 -24.77 -5.84 2.25
N LEU B 343 -23.45 -5.90 2.06
CA LEU B 343 -22.47 -5.59 3.10
C LEU B 343 -21.89 -4.21 2.86
N GLU B 344 -21.26 -3.67 3.89
CA GLU B 344 -20.56 -2.39 3.78
C GLU B 344 -19.14 -2.58 3.26
N VAL B 345 -19.01 -3.34 2.18
CA VAL B 345 -17.72 -3.58 1.53
C VAL B 345 -17.70 -2.84 0.20
N MET B 346 -16.49 -2.66 -0.32
CA MET B 346 -16.26 -1.95 -1.59
C MET B 346 -16.90 -0.57 -1.46
N GLN B 347 -17.75 -0.13 -2.39
CA GLN B 347 -18.36 1.19 -2.36
C GLN B 347 -19.79 1.17 -1.81
N ASN B 348 -20.19 0.09 -1.15
CA ASN B 348 -21.61 -0.10 -0.85
C ASN B 348 -22.11 0.89 0.19
N LYS B 349 -21.29 1.21 1.19
CA LYS B 349 -21.76 2.06 2.28
C LYS B 349 -22.23 3.41 1.77
N SER B 350 -21.66 3.88 0.66
CA SER B 350 -21.92 5.25 0.20
C SER B 350 -23.34 5.44 -0.30
N VAL B 351 -24.07 4.36 -0.59
CA VAL B 351 -25.38 4.45 -1.22
C VAL B 351 -26.50 3.88 -0.36
N PHE B 352 -26.19 3.40 0.85
CA PHE B 352 -27.23 2.79 1.67
C PHE B 352 -28.30 3.80 2.07
N GLU B 353 -27.89 4.96 2.58
CA GLU B 353 -28.87 5.95 3.01
C GLU B 353 -29.69 6.47 1.83
N ASP B 354 -29.03 6.74 0.70
CA ASP B 354 -29.74 7.28 -0.45
C ASP B 354 -30.76 6.28 -1.00
N LEU B 355 -30.52 4.98 -0.81
CA LEU B 355 -31.39 3.95 -1.34
C LEU B 355 -32.26 3.29 -0.27
N LYS B 356 -32.31 3.88 0.93
CA LYS B 356 -33.22 3.43 1.99
C LYS B 356 -32.90 2.01 2.44
N PHE B 357 -31.62 1.76 2.69
CA PHE B 357 -31.19 0.52 3.32
C PHE B 357 -31.36 0.60 4.83
N GLY B 358 -31.64 -0.54 5.45
CA GLY B 358 -31.75 -0.65 6.89
C GLY B 358 -30.62 -1.50 7.45
N GLU B 359 -30.05 -1.04 8.55
CA GLU B 359 -28.92 -1.75 9.15
C GLU B 359 -29.39 -3.04 9.83
N GLY B 360 -28.55 -4.07 9.75
CA GLY B 360 -28.89 -5.37 10.30
C GLY B 360 -28.49 -5.51 11.75
N ASP B 361 -28.78 -6.69 12.30
CA ASP B 361 -28.53 -6.94 13.73
C ASP B 361 -27.04 -7.03 14.02
N GLY B 362 -26.26 -7.66 13.14
CA GLY B 362 -24.88 -7.98 13.42
C GLY B 362 -23.97 -7.64 12.25
N SER B 363 -22.91 -8.45 12.11
CA SER B 363 -21.87 -8.19 11.14
C SER B 363 -21.27 -9.52 10.69
N LEU B 364 -20.62 -9.48 9.53
CA LEU B 364 -19.92 -10.63 8.96
C LEU B 364 -18.41 -10.40 9.08
N LYS B 365 -17.72 -11.37 9.68
CA LYS B 365 -16.29 -11.27 9.90
C LYS B 365 -15.54 -12.01 8.81
N TYR B 366 -14.40 -11.45 8.39
CA TYR B 366 -13.52 -12.06 7.42
C TYR B 366 -12.28 -12.60 8.13
N TYR B 367 -11.89 -13.83 7.78
CA TYR B 367 -10.79 -14.51 8.44
C TYR B 367 -9.82 -15.07 7.41
N LEU B 368 -8.54 -15.09 7.79
CA LEU B 368 -7.50 -15.78 7.05
C LEU B 368 -6.85 -16.82 7.97
N TYR B 369 -6.56 -17.99 7.41
CA TYR B 369 -5.92 -19.07 8.15
C TYR B 369 -4.44 -19.09 7.82
N ASN B 370 -3.61 -19.04 8.86
CA ASN B 370 -2.15 -19.06 8.71
C ASN B 370 -1.69 -17.89 7.86
N TRP B 371 -2.01 -16.69 8.33
CA TRP B 371 -1.55 -15.46 7.69
C TRP B 371 -1.73 -14.28 8.62
N LYS B 372 -0.64 -13.64 9.02
CA LYS B 372 -0.69 -12.47 9.89
C LYS B 372 -0.59 -11.21 9.05
N CYS B 373 -1.44 -10.24 9.35
CA CYS B 373 -1.45 -8.96 8.65
C CYS B 373 -2.29 -8.00 9.48
N ALA B 374 -2.32 -6.74 9.06
CA ALA B 374 -3.06 -5.73 9.77
C ALA B 374 -4.54 -5.81 9.45
N SER B 375 -5.38 -5.68 10.48
CA SER B 375 -6.82 -5.56 10.26
C SER B 375 -7.12 -4.20 9.63
N PHE B 376 -8.26 -4.13 8.93
CA PHE B 376 -8.58 -2.95 8.15
C PHE B 376 -10.09 -2.79 8.05
N ALA B 377 -10.50 -1.55 7.80
CA ALA B 377 -11.93 -1.25 7.67
C ALA B 377 -12.52 -2.05 6.52
N PRO B 378 -13.83 -2.34 6.58
CA PRO B 378 -14.45 -3.14 5.51
C PRO B 378 -14.48 -2.44 4.16
N ALA B 379 -14.27 -1.13 4.11
CA ALA B 379 -14.24 -0.45 2.81
C ALA B 379 -13.12 -0.96 1.94
N HIS B 380 -12.03 -1.44 2.56
CA HIS B 380 -10.91 -2.01 1.81
C HIS B 380 -11.15 -3.46 1.40
N VAL B 381 -12.29 -4.05 1.75
CA VAL B 381 -12.59 -5.43 1.39
C VAL B 381 -13.12 -5.46 -0.04
N GLY B 382 -12.58 -6.36 -0.85
CA GLY B 382 -12.99 -6.49 -2.23
C GLY B 382 -13.40 -7.90 -2.62
N ILE B 383 -13.90 -8.67 -1.67
CA ILE B 383 -14.35 -10.04 -1.93
C ILE B 383 -15.63 -10.29 -1.15
N VAL B 384 -16.52 -11.08 -1.74
CA VAL B 384 -17.79 -11.46 -1.12
C VAL B 384 -17.94 -12.96 -1.26
N LEU B 385 -18.02 -13.65 -0.12
CA LEU B 385 -18.20 -15.10 -0.11
C LEU B 385 -19.68 -15.45 -0.18
N LEU B 386 -19.95 -16.72 -0.47
CA LEU B 386 -21.32 -17.20 -0.64
C LEU B 386 -21.95 -17.55 0.71
N PRO C 2 24.58 21.35 -15.33
CA PRO C 2 24.01 20.15 -15.95
C PRO C 2 22.56 20.31 -16.39
N ASP C 3 22.35 20.32 -17.70
CA ASP C 3 20.99 20.35 -18.25
C ASP C 3 20.46 18.96 -18.55
N TYR C 4 21.33 18.00 -18.82
CA TYR C 4 20.91 16.63 -19.13
C TYR C 4 19.90 16.64 -20.26
N LYS C 5 20.38 16.82 -21.49
CA LYS C 5 19.48 17.00 -22.62
C LYS C 5 18.82 15.69 -23.03
N PHE C 6 19.57 14.59 -22.98
CA PHE C 6 19.04 13.29 -23.39
C PHE C 6 18.34 12.55 -22.25
N TRP C 7 18.92 12.58 -21.05
CA TRP C 7 18.39 11.75 -19.97
C TRP C 7 17.05 12.24 -19.46
N TYR C 8 16.75 13.53 -19.61
CA TYR C 8 15.45 14.05 -19.19
C TYR C 8 14.34 13.75 -20.19
N THR C 9 14.65 13.14 -21.33
CA THR C 9 13.63 12.59 -22.21
C THR C 9 13.30 11.13 -21.90
N GLN C 10 14.15 10.46 -21.13
CA GLN C 10 13.96 9.07 -20.77
C GLN C 10 13.13 8.95 -19.51
N PRO C 11 12.52 7.78 -19.26
CA PRO C 11 11.78 7.58 -18.00
C PRO C 11 12.71 7.28 -16.84
N VAL C 12 13.38 8.33 -16.37
CA VAL C 12 14.26 8.25 -15.19
C VAL C 12 14.00 9.46 -14.31
N PRO C 13 14.34 9.36 -13.02
CA PRO C 13 14.08 10.48 -12.11
C PRO C 13 14.89 11.70 -12.50
N LYS C 14 14.30 12.87 -12.31
CA LYS C 14 15.05 14.11 -12.41
C LYS C 14 16.00 14.21 -11.21
N ILE C 15 17.04 15.03 -11.36
CA ILE C 15 18.03 15.18 -10.31
C ILE C 15 17.40 15.71 -9.02
N ASN C 16 16.24 16.35 -9.12
CA ASN C 16 15.56 16.91 -7.95
C ASN C 16 14.54 15.96 -7.35
N ASP C 17 14.42 14.74 -7.86
CA ASP C 17 13.39 13.80 -7.39
C ASP C 17 13.90 13.01 -6.20
N GLU C 18 13.06 12.92 -5.16
CA GLU C 18 13.34 12.09 -3.99
C GLU C 18 12.04 11.36 -3.65
N PHE C 19 11.94 10.10 -4.08
CA PHE C 19 10.69 9.35 -3.93
C PHE C 19 10.56 8.79 -2.52
N ASN C 20 9.32 8.45 -2.17
CA ASN C 20 9.00 7.94 -0.84
C ASN C 20 9.13 6.42 -0.81
N GLU C 21 9.16 5.88 0.42
CA GLU C 21 9.42 4.46 0.61
C GLU C 21 8.28 3.60 0.06
N SER C 22 7.06 4.12 0.03
CA SER C 22 5.91 3.36 -0.44
C SER C 22 5.78 3.33 -1.96
N VAL C 23 6.76 3.86 -2.70
CA VAL C 23 6.73 3.89 -4.16
C VAL C 23 7.67 2.81 -4.68
N ASN C 24 7.17 2.01 -5.62
CA ASN C 24 7.96 0.92 -6.21
C ASN C 24 7.27 0.43 -7.48
N GLU C 25 7.29 1.25 -8.52
CA GLU C 25 6.57 0.92 -9.75
C GLU C 25 7.29 1.60 -10.91
N PRO C 26 6.92 1.27 -12.14
CA PRO C 26 7.55 1.90 -13.30
C PRO C 26 7.12 3.35 -13.49
N PHE C 27 7.97 4.10 -14.19
CA PHE C 27 7.55 5.41 -14.67
C PHE C 27 6.48 5.29 -15.75
N ILE C 28 6.64 4.30 -16.64
CA ILE C 28 5.74 4.09 -17.76
C ILE C 28 5.32 2.63 -17.77
N SER C 29 4.03 2.37 -17.57
N SER C 29 4.03 2.37 -17.57
CA SER C 29 3.48 1.03 -17.58
CA SER C 29 3.47 1.04 -17.57
C SER C 29 2.54 0.86 -18.76
C SER C 29 2.55 0.85 -18.78
N ASP C 30 2.07 -0.38 -18.94
CA ASP C 30 1.15 -0.72 -20.02
C ASP C 30 1.82 -0.57 -21.38
N ASN C 31 3.07 -1.04 -21.48
CA ASN C 31 3.81 -0.95 -22.73
C ASN C 31 3.45 -2.13 -23.63
N LYS C 32 3.34 -1.85 -24.93
CA LYS C 32 2.97 -2.86 -25.92
C LYS C 32 4.15 -3.11 -26.85
N VAL C 33 4.47 -4.38 -27.09
CA VAL C 33 5.52 -4.72 -28.04
C VAL C 33 5.14 -4.25 -29.44
N GLU C 34 3.84 -4.26 -29.75
CA GLU C 34 3.39 -3.83 -31.08
C GLU C 34 3.70 -2.37 -31.35
N ASP C 35 3.88 -1.56 -30.30
CA ASP C 35 4.17 -0.14 -30.46
C ASP C 35 5.65 0.14 -30.68
N VAL C 36 6.53 -0.83 -30.44
CA VAL C 36 7.95 -0.58 -30.52
C VAL C 36 8.37 -0.35 -31.97
N ARG C 37 9.39 0.50 -32.16
CA ARG C 37 9.92 0.74 -33.49
C ARG C 37 10.59 -0.52 -34.02
N LYS C 38 10.34 -0.81 -35.30
CA LYS C 38 10.98 -1.95 -35.96
C LYS C 38 12.21 -1.57 -36.76
N ASP C 39 12.25 -0.35 -37.29
CA ASP C 39 13.43 0.12 -38.00
C ASP C 39 14.55 0.45 -37.01
N GLU C 40 15.78 0.36 -37.50
CA GLU C 40 16.93 0.74 -36.71
C GLU C 40 17.08 2.26 -36.71
N TYR C 41 17.70 2.79 -35.65
CA TYR C 41 17.94 4.21 -35.58
C TYR C 41 18.95 4.64 -36.63
N LYS C 42 18.80 5.87 -37.11
CA LYS C 42 19.69 6.39 -38.13
C LYS C 42 21.08 6.67 -37.55
N LEU C 43 22.09 6.52 -38.39
CA LEU C 43 23.47 6.83 -38.05
C LEU C 43 24.01 7.85 -39.03
N PRO C 44 25.05 8.60 -38.65
CA PRO C 44 25.63 9.57 -39.57
C PRO C 44 26.23 8.87 -40.78
N PRO C 45 26.48 9.61 -41.87
CA PRO C 45 27.05 8.98 -43.06
C PRO C 45 28.40 8.35 -42.78
N GLY C 46 28.61 7.16 -43.34
CA GLY C 46 29.86 6.44 -43.16
C GLY C 46 29.91 5.49 -41.98
N TYR C 47 28.78 5.24 -41.33
CA TYR C 47 28.72 4.36 -40.17
C TYR C 47 27.51 3.44 -40.28
N SER C 48 27.67 2.20 -39.85
N SER C 48 27.67 2.20 -39.85
CA SER C 48 26.62 1.19 -40.01
CA SER C 48 26.65 1.18 -40.00
C SER C 48 26.53 0.37 -38.73
C SER C 48 26.52 0.37 -38.72
N TRP C 49 25.33 -0.20 -38.51
CA TRP C 49 25.12 -1.08 -37.37
C TRP C 49 25.72 -2.45 -37.65
N TYR C 50 26.16 -3.12 -36.57
CA TYR C 50 26.78 -4.43 -36.70
C TYR C 50 26.43 -5.28 -35.50
N VAL C 51 25.77 -6.40 -35.74
CA VAL C 51 25.47 -7.36 -34.68
C VAL C 51 26.69 -8.24 -34.48
N CYS C 52 27.17 -8.30 -33.24
CA CYS C 52 28.40 -9.03 -32.92
C CYS C 52 28.07 -10.44 -32.47
N ASP C 53 28.77 -11.42 -33.04
CA ASP C 53 28.71 -12.81 -32.60
C ASP C 53 29.95 -13.05 -31.75
N VAL C 54 29.79 -12.90 -30.43
N VAL C 54 29.79 -12.90 -30.43
CA VAL C 54 30.92 -13.01 -29.50
CA VAL C 54 30.93 -13.01 -29.51
C VAL C 54 31.53 -14.41 -29.53
C VAL C 54 31.53 -14.41 -29.53
N LYS C 55 30.80 -15.40 -30.05
CA LYS C 55 31.36 -16.74 -30.18
C LYS C 55 32.26 -16.87 -31.40
N ASP C 56 32.16 -15.95 -32.35
CA ASP C 56 33.08 -15.90 -33.48
C ASP C 56 34.38 -15.21 -33.06
N GLU C 57 35.51 -15.77 -33.49
CA GLU C 57 36.80 -15.24 -33.07
C GLU C 57 36.99 -13.81 -33.57
N LYS C 58 36.75 -13.57 -34.86
CA LYS C 58 36.96 -12.24 -35.42
C LYS C 58 36.08 -11.20 -34.73
N ASP C 59 34.78 -11.50 -34.61
CA ASP C 59 33.89 -10.55 -33.93
C ASP C 59 34.34 -10.31 -32.49
N ARG C 60 34.74 -11.37 -31.79
CA ARG C 60 35.20 -11.20 -30.42
C ARG C 60 36.47 -10.37 -30.37
N SER C 61 37.37 -10.58 -31.34
CA SER C 61 38.61 -9.80 -31.38
C SER C 61 38.33 -8.32 -31.61
N GLU C 62 37.34 -8.01 -32.47
CA GLU C 62 37.01 -6.62 -32.75
C GLU C 62 36.53 -5.90 -31.48
N ILE C 63 35.66 -6.55 -30.71
CA ILE C 63 35.22 -5.96 -29.44
C ILE C 63 36.40 -5.78 -28.50
N TYR C 64 37.24 -6.80 -28.38
CA TYR C 64 38.37 -6.73 -27.46
C TYR C 64 39.28 -5.57 -27.79
N THR C 65 39.61 -5.39 -29.07
CA THR C 65 40.49 -4.29 -29.46
C THR C 65 39.85 -2.94 -29.17
N LEU C 66 38.54 -2.82 -29.38
CA LEU C 66 37.86 -1.56 -29.08
C LEU C 66 37.98 -1.22 -27.60
N LEU C 67 37.50 -2.12 -26.73
CA LEU C 67 37.55 -1.84 -25.30
C LEU C 67 38.99 -1.66 -24.81
N THR C 68 39.90 -2.52 -25.27
CA THR C 68 41.28 -2.43 -24.82
C THR C 68 41.87 -1.04 -25.06
N ASP C 69 41.45 -0.36 -26.12
CA ASP C 69 42.04 0.92 -26.49
C ASP C 69 41.21 2.13 -26.07
N ASN C 70 39.93 1.93 -25.73
CA ASN C 70 39.05 3.07 -25.53
C ASN C 70 38.11 2.96 -24.32
N TYR C 71 38.31 1.98 -23.44
CA TYR C 71 37.40 1.82 -22.31
C TYR C 71 37.87 2.69 -21.14
N VAL C 72 37.38 2.41 -19.93
CA VAL C 72 37.49 3.38 -18.83
C VAL C 72 38.94 3.54 -18.42
N GLU C 73 39.32 4.78 -18.10
CA GLU C 73 40.61 5.10 -17.53
C GLU C 73 40.40 5.80 -16.18
N ASP C 74 41.41 5.72 -15.33
CA ASP C 74 41.32 6.30 -14.00
C ASP C 74 41.56 7.81 -14.07
N ASP C 75 41.48 8.46 -12.90
CA ASP C 75 41.64 9.91 -12.86
C ASP C 75 43.04 10.35 -13.28
N ASP C 76 44.05 9.55 -12.99
CA ASP C 76 45.43 9.86 -13.33
C ASP C 76 45.83 9.41 -14.72
N ASN C 77 44.93 8.76 -15.46
CA ASN C 77 45.21 8.30 -16.81
C ASN C 77 46.40 7.34 -16.84
N ILE C 78 46.61 6.60 -15.75
CA ILE C 78 47.68 5.62 -15.68
C ILE C 78 47.19 4.18 -15.85
N PHE C 79 45.87 3.96 -15.77
CA PHE C 79 45.29 2.64 -15.93
C PHE C 79 44.15 2.70 -16.94
N ARG C 80 43.98 1.61 -17.69
CA ARG C 80 42.82 1.40 -18.54
C ARG C 80 42.42 -0.06 -18.45
N PHE C 81 41.14 -0.31 -18.20
CA PHE C 81 40.65 -1.68 -18.10
C PHE C 81 41.02 -2.46 -19.36
N ASN C 82 41.38 -3.73 -19.16
CA ASN C 82 41.77 -4.63 -20.25
C ASN C 82 41.03 -5.96 -20.07
N TYR C 83 39.71 -5.92 -20.28
CA TYR C 83 38.91 -7.14 -20.26
C TYR C 83 39.47 -8.15 -21.25
N SER C 84 39.80 -9.34 -20.76
CA SER C 84 40.30 -10.39 -21.65
C SER C 84 39.19 -10.84 -22.59
N ALA C 85 39.60 -11.39 -23.73
CA ALA C 85 38.63 -11.92 -24.68
C ALA C 85 37.79 -13.02 -24.04
N GLU C 86 38.43 -13.90 -23.26
CA GLU C 86 37.68 -14.95 -22.57
C GLU C 86 36.66 -14.36 -21.61
N PHE C 87 37.00 -13.26 -20.94
CA PHE C 87 36.06 -12.63 -20.02
C PHE C 87 34.82 -12.16 -20.77
N LEU C 88 35.01 -11.48 -21.90
CA LEU C 88 33.87 -11.00 -22.68
C LEU C 88 32.97 -12.16 -23.08
N LEU C 89 33.57 -13.27 -23.51
CA LEU C 89 32.77 -14.46 -23.84
C LEU C 89 31.96 -14.93 -22.64
N TRP C 90 32.54 -14.84 -21.45
CA TRP C 90 31.86 -15.29 -20.25
C TRP C 90 30.77 -14.33 -19.80
N ALA C 91 30.96 -13.03 -20.00
CA ALA C 91 30.02 -12.04 -19.50
C ALA C 91 28.81 -11.85 -20.41
N LEU C 92 28.90 -12.26 -21.68
CA LEU C 92 27.85 -11.98 -22.65
C LEU C 92 27.09 -13.22 -23.11
N THR C 93 27.46 -14.41 -22.64
CA THR C 93 26.84 -15.66 -23.08
C THR C 93 26.11 -16.33 -21.93
N SER C 94 25.49 -15.55 -21.06
CA SER C 94 24.73 -16.09 -19.94
C SER C 94 23.52 -16.87 -20.46
N PRO C 95 22.87 -17.65 -19.60
CA PRO C 95 21.71 -18.44 -20.07
C PRO C 95 20.64 -17.56 -20.70
N ASN C 96 20.19 -17.97 -21.88
CA ASN C 96 19.12 -17.28 -22.62
C ASN C 96 19.55 -15.92 -23.13
N TYR C 97 20.84 -15.70 -23.33
CA TYR C 97 21.29 -14.42 -23.87
C TYR C 97 20.79 -14.24 -25.30
N LEU C 98 20.59 -12.98 -25.68
CA LEU C 98 20.13 -12.63 -27.02
C LEU C 98 21.32 -12.18 -27.86
N LYS C 99 21.55 -12.86 -28.98
CA LYS C 99 22.62 -12.45 -29.87
C LYS C 99 22.42 -11.04 -30.38
N THR C 100 21.16 -10.60 -30.51
CA THR C 100 20.85 -9.28 -31.01
C THR C 100 20.95 -8.19 -29.94
N TRP C 101 21.33 -8.53 -28.71
CA TRP C 101 21.61 -7.55 -27.68
C TRP C 101 23.09 -7.22 -27.58
N HIS C 102 23.90 -7.68 -28.53
CA HIS C 102 25.32 -7.35 -28.62
C HIS C 102 25.49 -6.49 -29.87
N ILE C 103 25.47 -5.17 -29.68
CA ILE C 103 25.36 -4.20 -30.75
C ILE C 103 26.68 -3.47 -30.91
N GLY C 104 27.07 -3.21 -32.16
CA GLY C 104 28.24 -2.42 -32.45
C GLY C 104 27.98 -1.46 -33.60
N VAL C 105 28.90 -0.50 -33.74
CA VAL C 105 28.87 0.45 -34.84
C VAL C 105 30.23 0.40 -35.52
N LYS C 106 30.23 0.16 -36.83
CA LYS C 106 31.46 0.03 -37.60
C LYS C 106 31.70 1.28 -38.45
N TYR C 107 32.97 1.64 -38.58
CA TYR C 107 33.39 2.73 -39.46
C TYR C 107 33.62 2.16 -40.84
N ASP C 108 32.76 2.52 -41.79
CA ASP C 108 32.76 1.87 -43.10
C ASP C 108 34.10 2.02 -43.83
N ALA C 109 34.90 3.02 -43.49
CA ALA C 109 36.18 3.20 -44.18
C ALA C 109 37.17 2.10 -43.81
N SER C 110 37.15 1.65 -42.55
CA SER C 110 38.04 0.60 -42.08
C SER C 110 37.33 -0.72 -41.81
N ASN C 111 36.00 -0.71 -41.72
CA ASN C 111 35.23 -1.90 -41.35
C ASN C 111 35.67 -2.43 -39.98
N LYS C 112 36.01 -1.52 -39.09
CA LYS C 112 36.37 -1.85 -37.72
C LYS C 112 35.39 -1.21 -36.75
N LEU C 113 35.20 -1.84 -35.60
CA LEU C 113 34.27 -1.33 -34.61
C LEU C 113 34.77 0.00 -34.05
N ILE C 114 33.85 0.95 -33.92
CA ILE C 114 34.12 2.22 -33.26
C ILE C 114 33.13 2.52 -32.14
N GLY C 115 32.17 1.63 -31.90
CA GLY C 115 31.22 1.80 -30.82
C GLY C 115 30.59 0.48 -30.47
N PHE C 116 30.18 0.33 -29.21
CA PHE C 116 29.65 -0.94 -28.75
C PHE C 116 28.83 -0.73 -27.49
N ILE C 117 27.82 -1.58 -27.33
CA ILE C 117 27.01 -1.63 -26.12
C ILE C 117 26.33 -2.99 -26.10
N SER C 118 26.15 -3.55 -24.89
CA SER C 118 25.62 -4.91 -24.76
C SER C 118 24.69 -4.97 -23.55
N ALA C 119 23.91 -6.06 -23.51
CA ALA C 119 22.99 -6.31 -22.41
C ALA C 119 22.70 -7.81 -22.36
N ILE C 120 22.29 -8.26 -21.18
CA ILE C 120 21.88 -9.65 -20.98
C ILE C 120 20.64 -9.69 -20.11
N PRO C 121 19.81 -10.72 -20.28
CA PRO C 121 18.58 -10.82 -19.49
C PRO C 121 18.86 -11.35 -18.09
N THR C 122 18.11 -10.82 -17.11
CA THR C 122 18.28 -11.24 -15.73
C THR C 122 17.03 -10.86 -14.94
N ASP C 123 16.80 -11.58 -13.86
CA ASP C 123 15.70 -11.32 -12.95
C ASP C 123 16.22 -10.54 -11.75
N ILE C 124 15.68 -9.35 -11.53
CA ILE C 124 16.10 -8.46 -10.45
C ILE C 124 14.97 -8.33 -9.45
N CYS C 125 15.32 -8.33 -8.17
CA CYS C 125 14.36 -8.12 -7.08
C CYS C 125 14.67 -6.77 -6.45
N ILE C 126 13.75 -5.83 -6.58
CA ILE C 126 13.88 -4.48 -6.02
C ILE C 126 12.73 -4.26 -5.06
N HIS C 127 13.05 -4.08 -3.78
CA HIS C 127 12.05 -3.88 -2.73
C HIS C 127 11.00 -4.99 -2.77
N LYS C 128 11.48 -6.24 -2.84
CA LYS C 128 10.65 -7.43 -2.77
C LYS C 128 9.70 -7.56 -3.96
N ARG C 129 10.05 -6.95 -5.09
CA ARG C 129 9.34 -7.17 -6.36
C ARG C 129 10.34 -7.71 -7.37
N THR C 130 10.07 -8.90 -7.88
CA THR C 130 10.95 -9.53 -8.86
C THR C 130 10.50 -9.13 -10.26
N ILE C 131 11.42 -8.55 -11.02
CA ILE C 131 11.14 -8.01 -12.35
C ILE C 131 12.17 -8.54 -13.34
N LYS C 132 11.72 -8.85 -14.55
CA LYS C 132 12.63 -9.21 -15.63
C LYS C 132 13.23 -7.95 -16.21
N MET C 133 14.56 -7.83 -16.15
CA MET C 133 15.26 -6.63 -16.58
C MET C 133 16.37 -7.01 -17.57
N ALA C 134 17.04 -5.98 -18.08
CA ALA C 134 18.21 -6.14 -18.93
C ALA C 134 19.41 -5.49 -18.25
N GLU C 135 20.49 -6.25 -18.10
CA GLU C 135 21.71 -5.75 -17.46
C GLU C 135 22.63 -5.22 -18.54
N VAL C 136 22.70 -3.89 -18.65
CA VAL C 136 23.49 -3.22 -19.68
C VAL C 136 24.93 -3.06 -19.18
N ASN C 137 25.87 -3.15 -20.11
CA ASN C 137 27.28 -3.01 -19.77
C ASN C 137 28.09 -2.84 -21.05
N PHE C 138 29.33 -2.36 -20.89
CA PHE C 138 30.31 -2.29 -21.97
C PHE C 138 29.92 -1.24 -23.02
N LEU C 139 29.38 -0.11 -22.56
CA LEU C 139 29.19 1.03 -23.45
C LEU C 139 30.54 1.69 -23.72
N CYS C 140 30.87 1.86 -25.00
CA CYS C 140 32.19 2.38 -25.36
C CYS C 140 32.13 3.04 -26.72
N VAL C 141 32.79 4.19 -26.83
CA VAL C 141 32.92 4.92 -28.09
C VAL C 141 34.39 5.24 -28.31
N HIS C 142 34.84 5.16 -29.56
CA HIS C 142 36.23 5.42 -29.87
C HIS C 142 36.63 6.82 -29.41
N LYS C 143 37.88 6.95 -28.95
CA LYS C 143 38.34 8.23 -28.43
C LYS C 143 38.18 9.35 -29.46
N THR C 144 38.42 9.04 -30.74
CA THR C 144 38.34 10.06 -31.78
C THR C 144 36.93 10.51 -32.07
N LEU C 145 35.91 9.80 -31.58
CA LEU C 145 34.52 10.14 -31.82
C LEU C 145 33.80 10.61 -30.56
N ARG C 146 34.55 11.05 -29.55
CA ARG C 146 33.96 11.48 -28.30
C ARG C 146 33.27 12.83 -28.45
N SER C 147 32.26 13.07 -27.60
CA SER C 147 31.55 14.34 -27.56
C SER C 147 30.87 14.65 -28.90
N LYS C 148 30.35 13.60 -29.55
CA LYS C 148 29.60 13.76 -30.79
C LYS C 148 28.21 13.14 -30.68
N ARG C 149 27.73 12.93 -29.45
CA ARG C 149 26.36 12.45 -29.22
C ARG C 149 26.12 11.11 -29.89
N LEU C 150 27.15 10.25 -29.89
CA LEU C 150 27.01 8.90 -30.42
C LEU C 150 26.50 7.93 -29.36
N ALA C 151 26.82 8.16 -28.09
CA ALA C 151 26.37 7.25 -27.04
C ALA C 151 24.85 7.20 -26.92
N PRO C 152 24.11 8.31 -26.97
CA PRO C 152 22.64 8.20 -26.92
C PRO C 152 22.07 7.32 -28.01
N VAL C 153 22.67 7.32 -29.20
CA VAL C 153 22.17 6.46 -30.27
C VAL C 153 22.38 5.00 -29.93
N LEU C 154 23.51 4.67 -29.31
CA LEU C 154 23.74 3.31 -28.83
C LEU C 154 22.73 2.94 -27.75
N ILE C 155 22.43 3.88 -26.86
CA ILE C 155 21.48 3.60 -25.77
C ILE C 155 20.08 3.42 -26.31
N LYS C 156 19.66 4.28 -27.24
CA LYS C 156 18.32 4.15 -27.81
C LYS C 156 18.17 2.85 -28.58
N GLU C 157 19.18 2.46 -29.35
CA GLU C 157 19.06 1.28 -30.20
C GLU C 157 18.95 0.00 -29.37
N ILE C 158 19.66 -0.07 -28.25
CA ILE C 158 19.57 -1.28 -27.44
C ILE C 158 18.29 -1.28 -26.61
N THR C 159 17.79 -0.10 -26.23
CA THR C 159 16.48 -0.03 -25.57
C THR C 159 15.39 -0.56 -26.50
N ARG C 160 15.48 -0.23 -27.79
CA ARG C 160 14.52 -0.73 -28.75
C ARG C 160 14.55 -2.25 -28.84
N ARG C 161 15.75 -2.81 -28.99
CA ARG C 161 15.87 -4.26 -29.11
C ARG C 161 15.45 -4.97 -27.83
N ILE C 162 15.64 -4.34 -26.67
CA ILE C 162 15.18 -4.94 -25.42
C ILE C 162 13.66 -4.92 -25.34
N ASN C 163 13.04 -3.82 -25.77
CA ASN C 163 11.58 -3.73 -25.72
C ASN C 163 10.92 -4.73 -26.66
N LEU C 164 11.62 -5.15 -27.72
CA LEU C 164 11.09 -6.17 -28.61
C LEU C 164 11.03 -7.53 -27.94
N GLU C 165 11.66 -7.70 -26.78
CA GLU C 165 11.56 -8.91 -25.98
C GLU C 165 10.52 -8.78 -24.86
N ASN C 166 9.79 -7.68 -24.82
CA ASN C 166 8.79 -7.41 -23.78
C ASN C 166 9.44 -7.16 -22.43
N ILE C 167 10.62 -6.55 -22.43
CA ILE C 167 11.31 -6.12 -21.22
C ILE C 167 11.40 -4.61 -21.24
N TRP C 168 11.05 -3.97 -20.12
CA TRP C 168 10.90 -2.53 -20.07
C TRP C 168 11.66 -1.89 -18.92
N GLN C 169 12.47 -2.65 -18.19
CA GLN C 169 13.32 -2.12 -17.15
C GLN C 169 14.75 -2.61 -17.37
N ALA C 170 15.70 -1.89 -16.78
CA ALA C 170 17.10 -2.23 -16.93
C ALA C 170 17.87 -1.77 -15.70
N ILE C 171 19.01 -2.43 -15.46
CA ILE C 171 19.90 -2.10 -14.36
C ILE C 171 21.30 -1.92 -14.92
N TYR C 172 22.03 -0.92 -14.41
CA TYR C 172 23.37 -0.65 -14.89
C TYR C 172 24.10 0.18 -13.85
N THR C 173 25.43 0.10 -13.89
CA THR C 173 26.30 0.86 -13.01
C THR C 173 27.18 1.81 -13.83
N ALA C 174 27.76 2.78 -13.14
CA ALA C 174 28.64 3.74 -13.78
C ALA C 174 29.29 4.59 -12.70
N GLY C 175 30.52 5.04 -12.99
CA GLY C 175 31.22 5.92 -12.07
C GLY C 175 30.78 7.36 -12.12
N VAL C 176 30.21 7.79 -13.25
CA VAL C 176 29.76 9.16 -13.40
C VAL C 176 28.39 9.32 -12.77
N TYR C 177 28.07 10.56 -12.36
CA TYR C 177 26.81 10.86 -11.71
C TYR C 177 25.77 11.22 -12.77
N LEU C 178 24.68 10.47 -12.79
CA LEU C 178 23.60 10.63 -13.75
C LEU C 178 22.27 10.67 -13.01
N PRO C 179 21.18 11.04 -13.71
CA PRO C 179 19.85 10.99 -13.08
C PRO C 179 19.21 9.60 -13.19
N LYS C 180 19.02 8.87 -12.10
CA LYS C 180 19.49 9.22 -10.76
C LYS C 180 19.78 7.94 -9.97
N PRO C 181 20.89 7.91 -9.23
CA PRO C 181 21.28 6.66 -8.57
C PRO C 181 20.24 6.19 -7.56
N VAL C 182 20.01 4.88 -7.53
CA VAL C 182 19.25 4.28 -6.44
C VAL C 182 20.16 3.92 -5.27
N SER C 183 21.46 3.86 -5.48
CA SER C 183 22.43 3.59 -4.42
C SER C 183 23.81 3.99 -4.92
N ASP C 184 24.70 4.26 -3.97
CA ASP C 184 26.05 4.72 -4.28
C ASP C 184 27.03 4.01 -3.37
N ALA C 185 28.05 3.39 -3.96
CA ALA C 185 28.99 2.55 -3.23
C ALA C 185 30.41 2.95 -3.58
N ARG C 186 31.17 3.39 -2.59
CA ARG C 186 32.59 3.63 -2.77
C ARG C 186 33.34 2.32 -2.90
N TYR C 187 34.42 2.35 -3.68
CA TYR C 187 35.24 1.17 -3.88
C TYR C 187 36.50 1.26 -3.02
N TYR C 188 36.98 0.09 -2.60
CA TYR C 188 38.17 -0.04 -1.78
C TYR C 188 39.08 -1.11 -2.39
N HIS C 189 40.36 -1.04 -2.02
CA HIS C 189 41.36 -1.96 -2.56
C HIS C 189 42.26 -2.42 -1.44
N ARG C 190 42.70 -3.67 -1.52
CA ARG C 190 43.66 -4.25 -0.59
C ARG C 190 44.91 -4.60 -1.39
N SER C 191 45.99 -3.89 -1.12
CA SER C 191 47.24 -4.11 -1.86
C SER C 191 47.84 -5.46 -1.49
N ILE C 192 48.23 -6.23 -2.50
CA ILE C 192 48.89 -7.52 -2.31
C ILE C 192 50.34 -7.46 -2.76
N ASN C 193 50.59 -7.08 -4.02
CA ASN C 193 51.94 -6.94 -4.54
C ASN C 193 52.37 -5.49 -4.31
N VAL C 194 52.70 -5.20 -3.05
CA VAL C 194 52.97 -3.81 -2.64
C VAL C 194 54.13 -3.24 -3.44
N LYS C 195 55.21 -4.00 -3.59
CA LYS C 195 56.36 -3.51 -4.34
C LYS C 195 55.97 -3.03 -5.73
N LYS C 196 55.12 -3.79 -6.42
CA LYS C 196 54.76 -3.43 -7.78
C LYS C 196 53.87 -2.19 -7.81
N LEU C 197 52.98 -2.05 -6.83
CA LEU C 197 52.12 -0.86 -6.78
C LEU C 197 52.96 0.40 -6.56
N ILE C 198 53.92 0.34 -5.64
CA ILE C 198 54.84 1.46 -5.46
C ILE C 198 55.62 1.71 -6.75
N GLU C 199 56.01 0.63 -7.44
CA GLU C 199 56.84 0.76 -8.63
C GLU C 199 56.09 1.48 -9.75
N ILE C 200 54.77 1.36 -9.79
CA ILE C 200 53.96 2.00 -10.83
C ILE C 200 53.37 3.32 -10.39
N GLY C 201 53.43 3.65 -9.10
CA GLY C 201 52.92 4.93 -8.63
C GLY C 201 51.44 4.92 -8.33
N PHE C 202 50.94 3.86 -7.70
CA PHE C 202 49.53 3.74 -7.34
C PHE C 202 49.35 4.27 -5.93
N SER C 203 48.85 5.51 -5.81
CA SER C 203 48.63 6.16 -4.53
C SER C 203 47.35 6.98 -4.61
N SER C 204 46.45 6.74 -3.66
CA SER C 204 45.14 7.39 -3.61
C SER C 204 45.15 8.53 -2.61
N LEU C 205 44.28 9.52 -2.84
CA LEU C 205 44.18 10.66 -1.94
C LEU C 205 43.75 10.21 -0.54
N ASN C 206 42.88 9.21 -0.46
CA ASN C 206 42.41 8.67 0.81
C ASN C 206 43.27 7.52 1.31
N SER C 207 44.32 7.15 0.58
CA SER C 207 45.22 6.09 1.00
C SER C 207 46.59 6.23 0.31
N ARG C 208 47.42 7.18 0.78
CA ARG C 208 48.77 7.31 0.24
C ARG C 208 49.61 6.11 0.64
N LEU C 209 50.48 5.69 -0.27
CA LEU C 209 51.26 4.48 -0.08
C LEU C 209 52.70 4.84 0.28
N THR C 210 52.86 5.38 1.48
CA THR C 210 54.16 5.74 2.00
C THR C 210 54.85 4.51 2.60
N MET C 211 56.13 4.68 2.97
CA MET C 211 56.86 3.60 3.60
C MET C 211 56.20 3.17 4.91
N SER C 212 55.82 4.15 5.74
CA SER C 212 55.20 3.84 7.01
C SER C 212 53.94 3.02 6.83
N ARG C 213 53.24 3.19 5.71
CA ARG C 213 52.02 2.44 5.44
C ARG C 213 52.31 1.15 4.68
N ALA C 214 53.14 1.23 3.64
CA ALA C 214 53.43 0.04 2.84
C ALA C 214 54.00 -1.08 3.70
N ILE C 215 54.75 -0.75 4.75
CA ILE C 215 55.33 -1.77 5.60
C ILE C 215 54.24 -2.63 6.24
N LYS C 216 53.11 -2.00 6.61
CA LYS C 216 52.05 -2.72 7.30
C LYS C 216 51.18 -3.57 6.38
N LEU C 217 51.51 -3.66 5.09
CA LEU C 217 50.69 -4.40 4.14
C LEU C 217 51.35 -5.66 3.61
N TYR C 218 52.66 -5.81 3.76
CA TYR C 218 53.36 -6.94 3.15
C TYR C 218 52.93 -8.26 3.79
N ARG C 219 52.85 -8.29 5.12
CA ARG C 219 52.61 -9.55 5.82
C ARG C 219 51.27 -10.17 5.41
N VAL C 220 51.32 -11.43 4.96
CA VAL C 220 50.12 -12.18 4.63
C VAL C 220 50.38 -13.66 4.87
N GLU C 221 49.73 -14.22 5.88
CA GLU C 221 49.89 -15.64 6.19
C GLU C 221 49.30 -16.50 5.08
N ASP C 222 50.00 -17.58 4.74
CA ASP C 222 49.54 -18.51 3.70
C ASP C 222 48.76 -19.66 4.31
N THR C 223 47.80 -19.34 5.17
CA THR C 223 46.95 -20.33 5.81
C THR C 223 45.52 -19.81 5.88
N LEU C 224 44.57 -20.68 5.53
CA LEU C 224 43.17 -20.31 5.48
C LEU C 224 42.50 -20.49 6.84
N ASN C 225 41.59 -19.58 7.17
CA ASN C 225 40.76 -19.75 8.35
C ASN C 225 39.71 -20.84 8.16
N ILE C 226 39.34 -21.11 6.92
CA ILE C 226 38.40 -22.18 6.57
C ILE C 226 39.19 -23.19 5.75
N LYS C 227 39.74 -24.20 6.42
CA LYS C 227 40.76 -25.04 5.80
C LYS C 227 40.24 -25.79 4.58
N ASN C 228 38.98 -26.20 4.59
CA ASN C 228 38.43 -27.05 3.54
C ASN C 228 37.88 -26.26 2.35
N MET C 229 38.31 -25.01 2.18
CA MET C 229 37.90 -24.23 1.01
C MET C 229 38.52 -24.82 -0.25
N ARG C 230 37.69 -25.19 -1.21
CA ARG C 230 38.14 -25.80 -2.45
C ARG C 230 37.36 -25.23 -3.63
N LEU C 231 37.92 -25.41 -4.82
CA LEU C 231 37.26 -24.94 -6.03
C LEU C 231 35.88 -25.57 -6.16
N MET C 232 34.95 -24.79 -6.71
CA MET C 232 33.59 -25.27 -6.92
C MET C 232 33.55 -26.25 -8.10
N LYS C 233 32.72 -27.28 -7.95
CA LYS C 233 32.51 -28.27 -8.99
C LYS C 233 31.03 -28.29 -9.39
N LYS C 234 30.77 -28.89 -10.55
CA LYS C 234 29.41 -28.88 -11.10
C LYS C 234 28.40 -29.50 -10.15
N LYS C 235 28.83 -30.47 -9.33
CA LYS C 235 27.92 -31.09 -8.37
C LYS C 235 27.58 -30.18 -7.20
N ASP C 236 28.25 -29.05 -7.06
CA ASP C 236 27.97 -28.10 -5.99
C ASP C 236 26.95 -27.03 -6.38
N VAL C 237 26.40 -27.11 -7.60
CA VAL C 237 25.54 -26.03 -8.10
C VAL C 237 24.31 -25.87 -7.22
N GLU C 238 23.59 -26.96 -6.95
CA GLU C 238 22.38 -26.87 -6.15
C GLU C 238 22.69 -26.35 -4.74
N GLY C 239 23.79 -26.80 -4.15
CA GLY C 239 24.14 -26.33 -2.81
C GLY C 239 24.43 -24.84 -2.78
N VAL C 240 25.12 -24.34 -3.81
CA VAL C 240 25.39 -22.90 -3.89
C VAL C 240 24.09 -22.14 -4.17
N HIS C 241 23.20 -22.73 -4.96
CA HIS C 241 21.93 -22.07 -5.26
C HIS C 241 21.15 -21.78 -3.99
N LYS C 242 21.13 -22.74 -3.05
CA LYS C 242 20.42 -22.54 -1.80
C LYS C 242 21.16 -21.53 -0.90
N LEU C 243 22.47 -21.70 -0.75
CA LEU C 243 23.24 -20.81 0.11
C LEU C 243 23.11 -19.36 -0.35
N LEU C 244 23.36 -19.11 -1.64
CA LEU C 244 23.32 -17.74 -2.14
C LEU C 244 21.89 -17.22 -2.21
N GLY C 245 20.93 -18.09 -2.53
CA GLY C 245 19.55 -17.64 -2.64
C GLY C 245 18.99 -17.12 -1.33
N SER C 246 19.30 -17.81 -0.23
CA SER C 246 18.81 -17.39 1.07
C SER C 246 19.57 -16.17 1.58
N TYR C 247 20.87 -16.08 1.28
CA TYR C 247 21.66 -14.93 1.72
C TYR C 247 21.14 -13.63 1.11
N LEU C 248 20.80 -13.66 -0.18
CA LEU C 248 20.46 -12.42 -0.89
C LEU C 248 19.06 -11.90 -0.57
N GLU C 249 18.20 -12.71 0.04
CA GLU C 249 16.84 -12.28 0.32
C GLU C 249 16.77 -11.12 1.30
N GLN C 250 17.85 -10.82 2.01
CA GLN C 250 17.83 -9.75 3.01
C GLN C 250 18.06 -8.37 2.42
N PHE C 251 18.50 -8.27 1.17
CA PHE C 251 18.88 -7.00 0.57
C PHE C 251 17.72 -6.39 -0.22
N ASN C 252 17.84 -5.09 -0.47
CA ASN C 252 16.80 -4.37 -1.22
C ASN C 252 16.93 -4.54 -2.72
N LEU C 253 18.10 -4.97 -3.21
CA LEU C 253 18.35 -5.08 -4.64
C LEU C 253 19.27 -6.27 -4.88
N TYR C 254 18.78 -7.27 -5.61
CA TYR C 254 19.58 -8.45 -5.90
C TYR C 254 18.95 -9.21 -7.05
N ALA C 255 19.76 -10.06 -7.67
CA ALA C 255 19.30 -10.89 -8.77
C ALA C 255 18.81 -12.24 -8.25
N VAL C 256 17.78 -12.76 -8.91
CA VAL C 256 17.23 -14.08 -8.61
C VAL C 256 17.82 -15.06 -9.61
N PHE C 257 18.71 -15.94 -9.14
CA PHE C 257 19.39 -16.89 -10.00
C PHE C 257 18.58 -18.18 -10.12
N THR C 258 18.66 -18.80 -11.30
CA THR C 258 18.18 -20.15 -11.52
C THR C 258 19.36 -21.11 -11.43
N LYS C 259 19.03 -22.40 -11.34
CA LYS C 259 20.08 -23.42 -11.30
C LYS C 259 21.05 -23.23 -12.45
N GLU C 260 20.54 -22.91 -13.63
CA GLU C 260 21.40 -22.75 -14.80
C GLU C 260 22.29 -21.52 -14.65
N GLU C 261 21.75 -20.44 -14.09
CA GLU C 261 22.53 -19.21 -13.93
C GLU C 261 23.66 -19.40 -12.94
N ILE C 262 23.42 -20.15 -11.86
CA ILE C 262 24.47 -20.41 -10.87
C ILE C 262 25.66 -21.10 -11.52
N ALA C 263 25.38 -22.14 -12.32
CA ALA C 263 26.46 -22.89 -12.96
C ALA C 263 27.29 -21.99 -13.87
N HIS C 264 26.63 -21.08 -14.60
CA HIS C 264 27.35 -20.23 -15.54
C HIS C 264 28.19 -19.17 -14.80
N TRP C 265 27.59 -18.52 -13.80
CA TRP C 265 28.24 -17.37 -13.17
C TRP C 265 29.28 -17.75 -12.12
N PHE C 266 29.34 -19.01 -11.69
CA PHE C 266 30.20 -19.38 -10.56
C PHE C 266 31.12 -20.56 -10.80
N LEU C 267 30.89 -21.39 -11.81
CA LEU C 267 31.81 -22.50 -12.07
C LEU C 267 33.16 -21.94 -12.54
N PRO C 268 34.26 -22.29 -11.88
CA PRO C 268 35.51 -21.55 -12.09
C PRO C 268 36.01 -21.63 -13.53
N ILE C 269 36.52 -20.50 -14.02
CA ILE C 269 37.23 -20.43 -15.29
C ILE C 269 38.56 -19.71 -15.03
N GLU C 270 39.65 -20.30 -15.53
CA GLU C 270 40.96 -19.75 -15.24
C GLU C 270 41.10 -18.35 -15.82
N ASN C 271 41.55 -17.41 -14.98
CA ASN C 271 41.77 -16.01 -15.36
C ASN C 271 40.46 -15.31 -15.74
N VAL C 272 39.35 -15.73 -15.14
CA VAL C 272 38.06 -15.08 -15.39
C VAL C 272 37.27 -15.01 -14.09
N ILE C 273 36.84 -16.17 -13.59
CA ILE C 273 35.97 -16.25 -12.42
C ILE C 273 36.48 -17.36 -11.51
N TYR C 274 36.66 -17.04 -10.24
CA TYR C 274 37.14 -17.97 -9.23
C TYR C 274 36.07 -18.12 -8.15
N THR C 275 35.75 -19.36 -7.79
CA THR C 275 34.77 -19.63 -6.76
C THR C 275 35.25 -20.79 -5.90
N TYR C 276 35.24 -20.57 -4.58
CA TYR C 276 35.60 -21.59 -3.61
C TYR C 276 34.41 -21.85 -2.69
N VAL C 277 34.31 -23.08 -2.19
CA VAL C 277 33.19 -23.50 -1.36
C VAL C 277 33.71 -24.35 -0.22
N ASN C 278 32.95 -24.35 0.89
CA ASN C 278 33.24 -25.17 2.05
C ASN C 278 32.08 -26.14 2.23
N GLU C 279 32.35 -27.43 2.01
CA GLU C 279 31.33 -28.47 2.14
C GLU C 279 31.51 -29.16 3.49
N GLU C 280 30.49 -29.06 4.35
CA GLU C 280 30.48 -29.72 5.64
C GLU C 280 29.24 -30.61 5.73
N ASN C 281 29.46 -31.91 5.91
CA ASN C 281 28.36 -32.84 6.15
C ASN C 281 27.40 -32.86 4.96
N GLY C 282 27.95 -32.84 3.76
CA GLY C 282 27.13 -32.91 2.56
C GLY C 282 26.37 -31.65 2.22
N LYS C 283 26.68 -30.53 2.87
CA LYS C 283 26.01 -29.26 2.62
C LYS C 283 27.04 -28.17 2.39
N ILE C 284 26.73 -27.27 1.46
CA ILE C 284 27.59 -26.12 1.19
C ILE C 284 27.25 -25.03 2.18
N LYS C 285 28.21 -24.66 3.02
CA LYS C 285 27.98 -23.72 4.11
C LYS C 285 28.66 -22.37 3.92
N ASP C 286 29.70 -22.30 3.09
CA ASP C 286 30.43 -21.05 2.85
C ASP C 286 30.86 -21.01 1.40
N MET C 287 31.04 -19.79 0.88
CA MET C 287 31.51 -19.62 -0.49
C MET C 287 32.25 -18.30 -0.63
N ILE C 288 33.29 -18.31 -1.46
CA ILE C 288 34.05 -17.13 -1.84
C ILE C 288 34.07 -17.06 -3.36
N SER C 289 34.04 -15.84 -3.90
CA SER C 289 34.11 -15.69 -5.34
C SER C 289 34.65 -14.32 -5.70
N PHE C 290 35.44 -14.26 -6.76
CA PHE C 290 35.99 -13.02 -7.28
C PHE C 290 36.39 -13.25 -8.73
N TYR C 291 36.21 -12.23 -9.57
CA TYR C 291 36.54 -12.31 -10.98
C TYR C 291 37.77 -11.48 -11.29
N SER C 292 38.38 -11.78 -12.44
CA SER C 292 39.63 -11.18 -12.86
C SER C 292 39.37 -10.10 -13.89
N LEU C 293 39.96 -8.92 -13.68
CA LEU C 293 39.81 -7.79 -14.59
C LEU C 293 41.12 -7.02 -14.59
N PRO C 294 42.04 -7.36 -15.49
CA PRO C 294 43.32 -6.66 -15.52
C PRO C 294 43.18 -5.21 -15.92
N SER C 295 44.19 -4.42 -15.57
CA SER C 295 44.29 -3.02 -15.97
C SER C 295 45.60 -2.84 -16.72
N GLN C 296 45.51 -2.31 -17.94
CA GLN C 296 46.71 -1.97 -18.70
C GLN C 296 47.45 -0.84 -18.00
N ILE C 297 48.76 -0.99 -17.86
CA ILE C 297 49.60 0.02 -17.21
C ILE C 297 50.17 0.92 -18.30
N LEU C 298 49.81 2.20 -18.24
CA LEU C 298 50.17 3.17 -19.27
C LEU C 298 51.45 3.89 -18.89
N GLY C 299 52.42 3.89 -19.80
CA GLY C 299 53.64 4.65 -19.61
C GLY C 299 54.54 4.14 -18.49
N ASN C 300 54.86 2.85 -18.51
CA ASN C 300 55.76 2.25 -17.55
C ASN C 300 56.85 1.48 -18.29
N ASP C 301 58.01 1.34 -17.65
CA ASP C 301 59.16 0.72 -18.31
C ASP C 301 59.11 -0.79 -18.21
N LYS C 302 58.92 -1.33 -17.01
CA LYS C 302 59.00 -2.77 -16.79
C LYS C 302 57.65 -3.46 -16.91
N TYR C 303 56.58 -2.85 -16.39
CA TYR C 303 55.27 -3.48 -16.30
C TYR C 303 54.32 -2.90 -17.33
N SER C 304 53.51 -3.77 -17.93
CA SER C 304 52.47 -3.36 -18.87
C SER C 304 51.08 -3.83 -18.47
N THR C 305 50.95 -4.60 -17.40
CA THR C 305 49.67 -5.13 -16.99
C THR C 305 49.63 -5.25 -15.47
N LEU C 306 48.46 -4.98 -14.89
CA LEU C 306 48.23 -5.11 -13.46
C LEU C 306 47.15 -6.16 -13.26
N ASN C 307 47.50 -7.24 -12.55
CA ASN C 307 46.55 -8.32 -12.28
C ASN C 307 45.70 -7.92 -11.06
N ALA C 308 44.39 -7.84 -11.25
CA ALA C 308 43.48 -7.34 -10.22
C ALA C 308 42.26 -8.24 -10.10
N ALA C 309 41.92 -8.59 -8.86
CA ALA C 309 40.74 -9.38 -8.56
C ALA C 309 39.66 -8.46 -7.99
N TYR C 310 38.40 -8.85 -8.21
CA TYR C 310 37.25 -8.06 -7.78
C TYR C 310 36.29 -8.94 -6.99
N SER C 311 36.01 -8.53 -5.76
CA SER C 311 35.08 -9.27 -4.91
C SER C 311 33.73 -9.41 -5.61
N PHE C 312 33.17 -10.62 -5.58
CA PHE C 312 31.94 -10.92 -6.31
C PHE C 312 30.83 -11.26 -5.34
N TYR C 313 30.78 -12.50 -4.84
CA TYR C 313 29.78 -12.91 -3.87
C TYR C 313 30.46 -13.76 -2.81
N ASN C 314 30.30 -13.36 -1.54
CA ASN C 314 30.90 -14.06 -0.42
C ASN C 314 29.83 -14.29 0.64
N VAL C 315 29.73 -15.54 1.09
CA VAL C 315 28.75 -15.93 2.10
C VAL C 315 29.41 -16.90 3.08
N THR C 316 29.14 -16.70 4.37
CA THR C 316 29.68 -17.58 5.41
C THR C 316 28.60 -17.84 6.45
N THR C 317 28.53 -19.09 6.91
CA THR C 317 27.67 -19.48 8.02
C THR C 317 28.42 -20.13 9.16
N THR C 318 29.65 -20.60 8.94
CA THR C 318 30.45 -21.24 9.97
C THR C 318 31.56 -20.35 10.51
N ALA C 319 31.66 -19.11 10.04
CA ALA C 319 32.71 -18.22 10.49
C ALA C 319 32.24 -16.78 10.34
N THR C 320 33.03 -15.86 10.91
CA THR C 320 32.71 -14.45 10.78
C THR C 320 33.04 -13.97 9.36
N PHE C 321 32.40 -12.87 8.97
CA PHE C 321 32.67 -12.31 7.66
C PHE C 321 34.11 -11.84 7.55
N LYS C 322 34.69 -11.35 8.65
CA LYS C 322 36.10 -10.95 8.64
C LYS C 322 36.99 -12.13 8.29
N GLN C 323 36.77 -13.28 8.93
CA GLN C 323 37.55 -14.46 8.62
C GLN C 323 37.35 -14.89 7.18
N LEU C 324 36.13 -14.76 6.66
CA LEU C 324 35.84 -15.19 5.30
C LEU C 324 36.60 -14.33 4.29
N MET C 325 36.53 -13.00 4.45
CA MET C 325 37.22 -12.11 3.52
C MET C 325 38.73 -12.21 3.65
N GLN C 326 39.24 -12.43 4.86
CA GLN C 326 40.67 -12.65 5.03
C GLN C 326 41.14 -13.81 4.17
N ASP C 327 40.34 -14.87 4.07
CA ASP C 327 40.69 -16.00 3.21
C ASP C 327 40.55 -15.63 1.75
N ALA C 328 39.54 -14.84 1.40
CA ALA C 328 39.38 -14.42 0.01
C ALA C 328 40.62 -13.69 -0.49
N ILE C 329 41.19 -12.82 0.35
CA ILE C 329 42.41 -12.10 -0.04
C ILE C 329 43.55 -13.08 -0.25
N LEU C 330 43.71 -14.03 0.68
CA LEU C 330 44.77 -15.02 0.53
C LEU C 330 44.58 -15.83 -0.74
N LEU C 331 43.33 -16.20 -1.05
CA LEU C 331 43.07 -16.98 -2.26
C LEU C 331 43.43 -16.18 -3.51
N ALA C 332 43.17 -14.86 -3.51
CA ALA C 332 43.61 -14.04 -4.62
C ALA C 332 45.13 -13.99 -4.70
N LYS C 333 45.80 -13.84 -3.56
CA LYS C 333 47.25 -13.85 -3.55
C LYS C 333 47.80 -15.17 -4.10
N ARG C 334 47.18 -16.29 -3.73
CA ARG C 334 47.63 -17.57 -4.24
C ARG C 334 47.48 -17.67 -5.75
N ASN C 335 46.50 -16.98 -6.32
CA ASN C 335 46.26 -17.01 -7.75
C ASN C 335 46.97 -15.88 -8.50
N ASN C 336 48.02 -15.30 -7.90
CA ASN C 336 48.92 -14.38 -8.59
C ASN C 336 48.29 -13.03 -8.88
N PHE C 337 47.39 -12.56 -8.02
CA PHE C 337 46.77 -11.26 -8.18
C PHE C 337 47.53 -10.21 -7.39
N ASP C 338 47.69 -9.02 -7.99
CA ASP C 338 48.43 -7.94 -7.38
C ASP C 338 47.60 -7.08 -6.43
N VAL C 339 46.27 -7.15 -6.51
CA VAL C 339 45.41 -6.30 -5.69
C VAL C 339 44.02 -6.94 -5.64
N PHE C 340 43.27 -6.61 -4.59
CA PHE C 340 41.94 -7.15 -4.37
C PHE C 340 40.99 -5.99 -4.09
N ASN C 341 40.01 -5.80 -4.96
CA ASN C 341 39.09 -4.67 -4.89
C ASN C 341 37.71 -5.13 -4.45
N ALA C 342 36.93 -4.17 -3.93
CA ALA C 342 35.59 -4.46 -3.43
C ALA C 342 34.85 -3.16 -3.23
N LEU C 343 33.52 -3.26 -3.25
CA LEU C 343 32.63 -2.15 -2.98
C LEU C 343 32.07 -2.24 -1.57
N GLU C 344 31.55 -1.12 -1.07
CA GLU C 344 30.90 -1.09 0.23
C GLU C 344 29.47 -1.61 0.17
N VAL C 345 29.24 -2.70 -0.56
CA VAL C 345 27.93 -3.32 -0.65
C VAL C 345 27.92 -4.56 0.23
N MET C 346 26.72 -5.04 0.53
CA MET C 346 26.51 -6.20 1.40
C MET C 346 27.25 -5.93 2.72
N GLN C 347 28.06 -6.86 3.21
CA GLN C 347 28.73 -6.71 4.50
C GLN C 347 30.19 -6.29 4.37
N ASN C 348 30.62 -5.90 3.17
CA ASN C 348 32.05 -5.69 2.94
C ASN C 348 32.60 -4.55 3.79
N LYS C 349 31.81 -3.50 4.01
CA LYS C 349 32.32 -2.31 4.69
C LYS C 349 32.80 -2.61 6.11
N SER C 350 32.30 -3.67 6.73
CA SER C 350 32.66 -3.96 8.13
C SER C 350 34.06 -4.53 8.28
N VAL C 351 34.73 -4.91 7.19
CA VAL C 351 36.04 -5.55 7.26
C VAL C 351 37.15 -4.70 6.65
N PHE C 352 36.82 -3.57 6.02
CA PHE C 352 37.85 -2.82 5.31
C PHE C 352 38.89 -2.25 6.26
N GLU C 353 38.48 -1.82 7.45
N GLU C 353 38.48 -1.82 7.45
CA GLU C 353 39.42 -1.25 8.41
CA GLU C 353 39.43 -1.25 8.40
C GLU C 353 40.32 -2.32 9.01
C GLU C 353 40.32 -2.32 9.01
N ASP C 354 39.71 -3.40 9.50
CA ASP C 354 40.50 -4.46 10.15
C ASP C 354 41.40 -5.20 9.17
N LEU C 355 41.08 -5.20 7.88
CA LEU C 355 41.89 -5.91 6.88
C LEU C 355 42.75 -4.96 6.07
N LYS C 356 42.88 -3.70 6.49
CA LYS C 356 43.86 -2.77 5.93
C LYS C 356 43.56 -2.44 4.47
N PHE C 357 42.28 -2.33 4.12
CA PHE C 357 41.92 -1.86 2.80
C PHE C 357 42.26 -0.38 2.66
N GLY C 358 42.12 0.12 1.44
CA GLY C 358 42.32 1.53 1.17
C GLY C 358 41.21 2.07 0.30
N GLU C 359 40.72 3.26 0.66
CA GLU C 359 39.61 3.87 -0.05
C GLU C 359 40.09 4.44 -1.38
N GLY C 360 39.36 4.14 -2.45
CA GLY C 360 39.64 4.71 -3.74
C GLY C 360 39.33 6.20 -3.78
N ASP C 361 39.30 6.73 -4.99
CA ASP C 361 39.07 8.16 -5.22
C ASP C 361 37.68 8.47 -5.74
N GLY C 362 36.80 7.48 -5.85
CA GLY C 362 35.46 7.71 -6.34
C GLY C 362 34.45 6.71 -5.85
N SER C 363 33.32 6.60 -6.56
CA SER C 363 32.26 5.68 -6.18
C SER C 363 31.59 5.14 -7.43
N LEU C 364 30.95 3.98 -7.27
CA LEU C 364 30.19 3.32 -8.33
C LEU C 364 28.72 3.47 -8.02
N LYS C 365 27.97 4.06 -8.96
CA LYS C 365 26.55 4.30 -8.79
C LYS C 365 25.74 3.14 -9.37
N TYR C 366 24.57 2.90 -8.78
CA TYR C 366 23.63 1.91 -9.25
C TYR C 366 22.39 2.61 -9.79
N TYR C 367 21.96 2.24 -10.99
CA TYR C 367 20.84 2.90 -11.66
C TYR C 367 19.81 1.88 -12.10
N LEU C 368 18.55 2.33 -12.15
CA LEU C 368 17.46 1.58 -12.75
C LEU C 368 16.81 2.45 -13.82
N TYR C 369 16.30 1.81 -14.86
CA TYR C 369 15.67 2.48 -16.00
C TYR C 369 14.19 2.19 -15.99
N ASN C 370 13.38 3.23 -16.03
CA ASN C 370 11.92 3.12 -16.02
C ASN C 370 11.44 2.42 -14.75
N TRP C 371 11.89 2.93 -13.60
CA TRP C 371 11.46 2.38 -12.32
C TRP C 371 11.74 3.41 -11.24
N LYS C 372 10.68 4.00 -10.69
CA LYS C 372 10.81 4.94 -9.59
C LYS C 372 10.64 4.22 -8.27
N CYS C 373 11.59 4.45 -7.36
CA CYS C 373 11.53 3.86 -6.03
C CYS C 373 12.44 4.66 -5.11
N ALA C 374 12.41 4.32 -3.83
CA ALA C 374 13.25 4.99 -2.85
C ALA C 374 14.68 4.48 -2.94
N SER C 375 15.64 5.39 -2.75
CA SER C 375 17.04 5.01 -2.71
C SER C 375 17.40 4.46 -1.32
N PHE C 376 18.61 3.95 -1.20
CA PHE C 376 19.04 3.30 0.03
C PHE C 376 20.56 3.24 0.07
N ALA C 377 21.08 3.01 1.27
CA ALA C 377 22.52 2.91 1.47
C ALA C 377 23.07 1.68 0.77
N PRO C 378 24.36 1.71 0.41
CA PRO C 378 24.92 0.56 -0.33
C PRO C 378 24.93 -0.73 0.46
N ALA C 379 24.88 -0.67 1.79
CA ALA C 379 24.83 -1.90 2.58
C ALA C 379 23.60 -2.74 2.26
N HIS C 380 22.57 -2.15 1.68
CA HIS C 380 21.37 -2.86 1.28
C HIS C 380 21.42 -3.32 -0.17
N VAL C 381 22.55 -3.16 -0.83
CA VAL C 381 22.75 -3.66 -2.19
C VAL C 381 23.29 -5.07 -2.11
N GLY C 382 22.74 -5.96 -2.93
CA GLY C 382 23.17 -7.34 -2.97
C GLY C 382 23.36 -7.84 -4.38
N ILE C 383 24.05 -7.05 -5.20
CA ILE C 383 24.31 -7.41 -6.59
C ILE C 383 25.58 -6.70 -7.04
N VAL C 384 26.46 -7.44 -7.72
CA VAL C 384 27.71 -6.91 -8.23
C VAL C 384 27.74 -7.18 -9.73
N LEU C 385 27.86 -6.11 -10.51
CA LEU C 385 28.00 -6.22 -11.95
C LEU C 385 29.46 -6.29 -12.34
N LEU C 386 29.72 -6.78 -13.54
CA LEU C 386 31.08 -7.00 -14.03
C LEU C 386 31.71 -5.70 -14.52
#